data_1D0Z
#
_entry.id   1D0Z
#
_cell.length_a   103.987
_cell.length_b   180.855
_cell.length_c   54.101
_cell.angle_alpha   90.00
_cell.angle_beta   90.00
_cell.angle_gamma   90.00
#
_symmetry.space_group_name_H-M   'P 21 21 2'
#
loop_
_entity.id
_entity.type
_entity.pdbx_description
1 polymer MYOSIN
2 non-polymer 'MAGNESIUM ION'
3 non-polymer 'P-NITROPHENYL AMINOETHYLDIPHOSPHATE BERYLLIUM TRIFLUORIDE'
4 water water
#
_entity_poly.entity_id   1
_entity_poly.type   'polypeptide(L)'
_entity_poly.pdbx_seq_one_letter_code
;MNPIHDRTSDYHKYLKVKQGDSDLFKLTVSDKRYIWYNPDPKERDSYECGEIVSETSDSFTFKTVDGQDRQVKKDDANQR
NPIKFDGVEDMSELSYLNEPAVFHNLRVRYNQDLIYTYSGLFLVAVNPFKRIPIYTQEMVDIFKGRRRNEVAPHIFAISD
VAYRSMLDDRQNQSLLITGESGAGKTENTKKVIQYLASVAGRNQANGSGVLEQQILQANPILEAFGNAKTTRNNNSSRFG
KFIEIQFNNAGFISGASIQSYLLEKSRVVFQSETERNYHIFYQLLAGATAEEKKALHLAGPESFNYLNQSGCVDIKGVSD
SEEFKITRQAMDIVGFSQEEQMSIFKIIAGILHLGNIKFEKGAGEGAVLKDKTALNAASTVFGVNPSVLEKALMEPRILA
GRDLVAQHLNVEKSSSSRDALVKALYGRLFLWLVKKINNVLCQERKAYFIGVLDISGFEIFKVNSFEQLCINYTNEKLQQ
FFNHHMFKLEQEEYLKEKINWTFIDFGLDSQATIDLIDGRQPPGILALLDEQSVFPNATDNTLITKLHSHFSKKNAKYEE
PRFSKTEFGVTHYAGQVMYEIQDWLEKNKDPLQQDLELCFKDSSDNVVTKLFNDPNIASRAKKGANFITVAAQYKEQLAS
LMATLETTNPHFVRCIIPNNKQLPAKLEDKVVLDQLRCNGVLEGIRITRKGFPNRIIYADFVKRYYLLAPNVPRDAEDSQ
KATDAVLKHLNIDPEQYRFGITKIFFRAGQLARIEEAREPN
;
_entity_poly.pdbx_strand_id   A
#
# COMPACT_ATOMS: atom_id res chain seq x y z
N ASN A 2 29.38 -5.68 19.49
CA ASN A 2 28.93 -6.15 18.18
C ASN A 2 27.69 -7.00 18.09
N PRO A 3 26.58 -6.32 18.34
CA PRO A 3 25.23 -6.83 18.32
C PRO A 3 24.98 -7.98 17.37
N ILE A 4 25.50 -7.91 16.12
CA ILE A 4 25.29 -8.95 15.11
C ILE A 4 25.90 -10.28 15.47
N HIS A 5 26.91 -10.19 16.34
CA HIS A 5 27.63 -11.34 16.79
C HIS A 5 27.35 -11.58 18.25
N ASP A 6 26.78 -10.59 18.89
CA ASP A 6 26.45 -10.68 20.29
C ASP A 6 25.09 -11.32 20.49
N ARG A 7 25.12 -12.64 20.63
CA ARG A 7 23.92 -13.44 20.84
C ARG A 7 23.07 -12.98 21.97
N THR A 8 23.50 -11.99 22.71
CA THR A 8 22.66 -11.54 23.79
C THR A 8 22.02 -10.22 23.42
N SER A 9 22.37 -9.66 22.27
CA SER A 9 21.78 -8.38 21.97
C SER A 9 20.25 -8.47 21.69
N ASP A 10 19.57 -7.31 21.70
CA ASP A 10 18.21 -7.18 21.34
C ASP A 10 18.08 -7.51 19.83
N TYR A 11 19.21 -7.37 19.08
CA TYR A 11 19.30 -7.63 17.66
C TYR A 11 19.00 -9.08 17.52
N HIS A 12 19.72 -9.84 18.30
CA HIS A 12 19.51 -11.25 18.26
C HIS A 12 18.11 -11.62 18.74
N LYS A 13 17.73 -11.04 19.85
CA LYS A 13 16.44 -11.35 20.47
C LYS A 13 15.23 -11.08 19.58
N TYR A 14 15.22 -9.92 18.97
CA TYR A 14 14.08 -9.52 18.19
C TYR A 14 14.08 -9.73 16.71
N LEU A 15 15.25 -10.02 16.15
CA LEU A 15 15.37 -10.17 14.71
C LEU A 15 15.85 -11.49 14.18
N LYS A 16 16.28 -12.37 15.08
CA LYS A 16 16.82 -13.62 14.59
C LYS A 16 16.17 -14.87 15.19
N VAL A 17 16.26 -15.98 14.52
CA VAL A 17 15.81 -17.19 15.15
C VAL A 17 16.88 -17.48 16.19
N LYS A 18 16.53 -17.75 17.47
CA LYS A 18 17.49 -17.93 18.55
C LYS A 18 18.46 -19.04 18.23
N GLN A 19 19.77 -18.79 18.38
CA GLN A 19 20.73 -19.82 18.07
C GLN A 19 21.26 -20.46 19.34
N GLY A 20 21.32 -21.80 19.32
CA GLY A 20 21.83 -22.59 20.43
C GLY A 20 23.36 -22.84 20.37
N ASP A 21 23.85 -23.77 21.13
CA ASP A 21 25.26 -24.05 21.19
C ASP A 21 25.81 -24.53 19.89
N SER A 22 25.22 -25.63 19.46
CA SER A 22 25.62 -26.31 18.25
C SER A 22 24.80 -26.04 17.03
N ASP A 23 25.52 -26.23 15.94
CA ASP A 23 25.05 -26.05 14.58
C ASP A 23 24.93 -27.41 13.83
N LEU A 24 25.63 -28.41 14.36
CA LEU A 24 25.77 -29.75 13.77
C LEU A 24 24.56 -30.27 13.07
N PHE A 25 24.80 -30.71 11.86
CA PHE A 25 23.78 -31.31 11.00
C PHE A 25 22.97 -32.37 11.73
N LYS A 26 23.65 -33.19 12.52
CA LYS A 26 23.04 -34.29 13.23
C LYS A 26 21.82 -33.93 14.06
N LEU A 27 21.91 -32.77 14.71
CA LEU A 27 20.82 -32.34 15.58
C LEU A 27 19.46 -32.53 14.92
N THR A 28 19.36 -32.15 13.64
CA THR A 28 18.07 -32.19 12.95
C THR A 28 17.77 -33.50 12.28
N VAL A 29 18.56 -34.50 12.56
CA VAL A 29 18.26 -35.73 11.91
C VAL A 29 16.88 -36.27 12.30
N SER A 30 16.21 -36.79 11.29
CA SER A 30 14.92 -37.42 11.49
C SER A 30 14.50 -38.24 10.31
N ASP A 31 13.89 -39.33 10.73
CA ASP A 31 13.28 -40.42 10.04
C ASP A 31 11.88 -40.07 9.44
N LYS A 32 11.15 -39.12 10.05
CA LYS A 32 9.80 -38.73 9.64
C LYS A 32 9.69 -37.80 8.43
N ARG A 33 8.73 -38.09 7.53
CA ARG A 33 8.46 -37.34 6.30
C ARG A 33 7.03 -36.87 6.40
N TYR A 34 6.79 -35.61 6.10
CA TYR A 34 5.47 -35.07 6.27
C TYR A 34 4.94 -34.43 4.99
N ILE A 35 3.66 -34.18 4.97
CA ILE A 35 2.99 -33.53 3.84
C ILE A 35 2.04 -32.53 4.44
N TRP A 36 1.77 -31.48 3.67
CA TRP A 36 0.79 -30.50 4.07
C TRP A 36 -0.51 -30.92 3.30
N TYR A 37 -1.64 -31.09 4.00
CA TYR A 37 -2.95 -31.51 3.41
C TYR A 37 -4.10 -30.62 3.96
N ASN A 38 -5.22 -30.64 3.26
CA ASN A 38 -6.40 -29.93 3.70
C ASN A 38 -7.32 -30.90 4.40
N PRO A 39 -7.56 -30.70 5.69
CA PRO A 39 -8.43 -31.61 6.39
C PRO A 39 -9.85 -31.45 5.83
N ASP A 40 -10.10 -30.29 5.35
CA ASP A 40 -11.38 -30.07 4.81
C ASP A 40 -11.19 -29.45 3.48
N PRO A 41 -11.35 -30.30 2.53
CA PRO A 41 -11.17 -29.98 1.15
C PRO A 41 -11.94 -28.75 0.77
N LYS A 42 -12.91 -28.40 1.60
CA LYS A 42 -13.66 -27.22 1.29
C LYS A 42 -12.79 -25.97 1.51
N GLU A 43 -12.13 -25.96 2.70
CA GLU A 43 -11.18 -24.98 3.22
C GLU A 43 -9.79 -25.38 2.74
N ARG A 44 -9.45 -24.90 1.57
CA ARG A 44 -8.25 -25.10 0.84
C ARG A 44 -6.98 -24.36 1.35
N ASP A 45 -7.11 -23.47 2.33
CA ASP A 45 -5.97 -22.72 2.87
C ASP A 45 -5.75 -23.05 4.27
N SER A 46 -6.43 -24.11 4.60
CA SER A 46 -6.29 -24.64 5.89
C SER A 46 -5.70 -26.01 5.68
N TYR A 47 -4.52 -26.15 6.26
CA TYR A 47 -3.75 -27.35 6.14
C TYR A 47 -3.38 -27.82 7.49
N GLU A 48 -2.99 -29.05 7.49
CA GLU A 48 -2.49 -29.68 8.67
C GLU A 48 -1.41 -30.55 8.09
N CYS A 49 -0.54 -31.01 8.95
CA CYS A 49 0.62 -31.80 8.57
C CYS A 49 0.32 -33.24 8.82
N GLY A 50 0.52 -34.01 7.79
CA GLY A 50 0.33 -35.43 7.92
C GLY A 50 1.62 -36.16 7.67
N GLU A 51 1.90 -37.13 8.51
CA GLU A 51 3.12 -37.93 8.40
C GLU A 51 2.89 -39.02 7.37
N ILE A 52 3.75 -39.07 6.35
CA ILE A 52 3.62 -40.07 5.31
C ILE A 52 3.99 -41.39 5.94
N VAL A 53 3.13 -42.38 5.76
CA VAL A 53 3.24 -43.73 6.31
C VAL A 53 3.72 -44.73 5.28
N SER A 54 3.38 -44.46 4.04
CA SER A 54 3.82 -45.34 2.99
C SER A 54 3.58 -44.69 1.68
N GLU A 55 4.11 -45.33 0.67
CA GLU A 55 3.94 -44.83 -0.67
C GLU A 55 3.89 -45.91 -1.68
N THR A 56 3.51 -45.49 -2.86
CA THR A 56 3.51 -46.35 -3.99
C THR A 56 4.29 -45.60 -5.00
N SER A 57 4.44 -46.22 -6.13
CA SER A 57 5.20 -45.67 -7.20
C SER A 57 4.74 -44.28 -7.58
N ASP A 58 3.43 -44.01 -7.41
CA ASP A 58 2.90 -42.70 -7.83
C ASP A 58 2.04 -41.93 -6.82
N SER A 59 1.95 -42.42 -5.60
CA SER A 59 1.17 -41.79 -4.57
C SER A 59 1.82 -41.95 -3.25
N PHE A 60 1.38 -41.15 -2.35
CA PHE A 60 1.83 -41.35 -1.02
C PHE A 60 0.66 -41.70 -0.15
N THR A 61 0.89 -42.43 0.92
CA THR A 61 -0.20 -42.66 1.83
C THR A 61 0.14 -42.00 3.14
N PHE A 62 -0.73 -41.20 3.69
CA PHE A 62 -0.33 -40.62 4.99
C PHE A 62 -1.32 -40.71 6.12
N LYS A 63 -0.84 -40.31 7.28
CA LYS A 63 -1.67 -40.35 8.45
C LYS A 63 -2.16 -38.97 8.89
N THR A 64 -3.46 -38.72 8.79
CA THR A 64 -3.91 -37.43 9.27
C THR A 64 -3.75 -37.17 10.79
N VAL A 65 -4.13 -35.95 11.11
CA VAL A 65 -4.18 -35.45 12.46
C VAL A 65 -4.83 -36.43 13.45
N ASP A 66 -5.96 -36.97 13.02
CA ASP A 66 -6.80 -37.86 13.80
C ASP A 66 -6.45 -39.33 13.76
N GLY A 67 -5.58 -39.71 12.84
CA GLY A 67 -5.21 -41.10 12.73
C GLY A 67 -5.90 -41.68 11.53
N GLN A 68 -6.49 -40.79 10.74
CA GLN A 68 -7.13 -41.23 9.54
C GLN A 68 -6.16 -41.32 8.38
N ASP A 69 -6.12 -42.48 7.75
CA ASP A 69 -5.28 -42.69 6.61
C ASP A 69 -5.96 -42.04 5.42
N ARG A 70 -5.17 -41.38 4.60
CA ARG A 70 -5.56 -40.69 3.38
C ARG A 70 -4.43 -40.90 2.39
N GLN A 71 -4.71 -40.72 1.14
CA GLN A 71 -3.67 -41.02 0.19
C GLN A 71 -3.70 -39.95 -0.79
N VAL A 72 -2.57 -39.75 -1.44
CA VAL A 72 -2.45 -38.68 -2.39
C VAL A 72 -1.42 -38.94 -3.48
N LYS A 73 -1.58 -38.20 -4.53
CA LYS A 73 -0.77 -38.29 -5.67
C LYS A 73 0.46 -37.47 -5.47
N LYS A 74 1.60 -38.19 -5.59
CA LYS A 74 2.92 -37.62 -5.50
C LYS A 74 2.93 -36.34 -6.26
N ASP A 75 2.30 -36.36 -7.41
CA ASP A 75 2.34 -35.14 -8.15
C ASP A 75 1.43 -34.03 -7.64
N ASP A 76 0.67 -34.37 -6.62
CA ASP A 76 -0.15 -33.32 -6.12
C ASP A 76 0.18 -33.01 -4.69
N ALA A 77 1.09 -33.78 -4.17
CA ALA A 77 1.54 -33.66 -2.81
C ALA A 77 2.26 -32.37 -2.52
N ASN A 78 1.98 -31.86 -1.34
CA ASN A 78 2.63 -30.67 -0.80
C ASN A 78 3.55 -31.10 0.32
N GLN A 79 4.75 -31.47 -0.13
CA GLN A 79 5.74 -31.95 0.79
C GLN A 79 6.18 -30.85 1.71
N ARG A 80 6.49 -31.28 2.88
CA ARG A 80 6.89 -30.40 3.91
C ARG A 80 8.38 -30.40 3.99
N ASN A 81 8.91 -29.20 4.04
CA ASN A 81 10.35 -29.07 4.13
C ASN A 81 10.89 -29.66 5.42
N PRO A 82 12.11 -30.22 5.36
CA PRO A 82 12.84 -30.70 6.54
C PRO A 82 12.98 -29.60 7.57
N ILE A 83 12.92 -29.97 8.85
CA ILE A 83 12.95 -28.99 9.97
C ILE A 83 14.01 -27.86 9.91
N LYS A 84 15.15 -28.14 9.34
CA LYS A 84 16.22 -27.18 9.25
C LYS A 84 15.73 -25.93 8.51
N PHE A 85 14.84 -26.14 7.55
CA PHE A 85 14.31 -25.03 6.80
C PHE A 85 13.31 -24.23 7.57
N ASP A 86 12.83 -24.71 8.72
CA ASP A 86 11.86 -23.88 9.47
C ASP A 86 12.49 -22.58 10.04
N GLY A 87 12.11 -21.42 9.51
CA GLY A 87 12.60 -20.16 10.04
C GLY A 87 13.57 -19.44 9.11
N VAL A 88 13.85 -19.99 7.93
CA VAL A 88 14.82 -19.32 7.05
C VAL A 88 14.37 -17.90 6.72
N GLU A 89 15.39 -17.02 6.47
CA GLU A 89 15.20 -15.60 6.25
C GLU A 89 14.71 -15.19 4.89
N ASP A 90 14.77 -16.16 3.97
CA ASP A 90 14.30 -15.96 2.61
C ASP A 90 13.49 -17.13 2.13
N MET A 91 12.31 -16.90 1.58
CA MET A 91 11.55 -18.07 1.18
C MET A 91 12.25 -18.79 0.05
N SER A 92 13.10 -18.08 -0.68
CA SER A 92 13.86 -18.66 -1.79
C SER A 92 14.81 -19.78 -1.37
N GLU A 93 15.03 -19.89 -0.05
CA GLU A 93 15.94 -20.91 0.52
C GLU A 93 15.21 -22.23 0.75
N LEU A 94 13.88 -22.24 0.57
CA LEU A 94 13.07 -23.45 0.76
C LEU A 94 13.23 -24.38 -0.41
N SER A 95 13.30 -25.70 -0.09
CA SER A 95 13.41 -26.75 -1.15
C SER A 95 12.04 -27.09 -1.80
N TYR A 96 11.02 -27.31 -0.99
CA TYR A 96 9.67 -27.52 -1.49
C TYR A 96 8.98 -26.15 -1.35
N LEU A 97 8.45 -25.66 -2.45
CA LEU A 97 7.87 -24.37 -2.45
C LEU A 97 6.38 -24.37 -2.68
N ASN A 98 5.69 -25.33 -2.21
CA ASN A 98 4.27 -25.24 -2.39
C ASN A 98 3.71 -24.17 -1.44
N GLU A 99 2.47 -23.76 -1.62
CA GLU A 99 1.85 -22.72 -0.83
C GLU A 99 1.87 -22.92 0.68
N PRO A 100 1.48 -24.13 1.09
CA PRO A 100 1.39 -24.43 2.52
C PRO A 100 2.76 -24.29 3.15
N ALA A 101 3.78 -24.66 2.34
CA ALA A 101 5.16 -24.57 2.81
C ALA A 101 5.56 -23.13 3.03
N VAL A 102 5.15 -22.25 2.11
CA VAL A 102 5.47 -20.88 2.22
C VAL A 102 4.82 -20.27 3.46
N PHE A 103 3.53 -20.60 3.62
CA PHE A 103 2.74 -20.12 4.79
C PHE A 103 3.40 -20.59 6.09
N HIS A 104 3.79 -21.86 6.08
CA HIS A 104 4.41 -22.40 7.29
C HIS A 104 5.69 -21.63 7.70
N ASN A 105 6.51 -21.31 6.72
CA ASN A 105 7.71 -20.62 7.04
C ASN A 105 7.37 -19.27 7.57
N LEU A 106 6.40 -18.67 6.98
CA LEU A 106 6.08 -17.36 7.48
C LEU A 106 5.54 -17.36 8.88
N ARG A 107 4.76 -18.40 9.17
CA ARG A 107 4.11 -18.56 10.51
C ARG A 107 5.14 -18.89 11.60
N VAL A 108 6.07 -19.79 11.22
CA VAL A 108 7.09 -20.15 12.18
C VAL A 108 7.82 -18.87 12.67
N ARG A 109 8.17 -18.04 11.72
CA ARG A 109 8.81 -16.75 12.01
C ARG A 109 7.93 -15.85 12.82
N TYR A 110 6.69 -15.65 12.38
CA TYR A 110 5.77 -14.75 13.08
C TYR A 110 5.53 -15.22 14.52
N ASN A 111 5.58 -16.53 14.74
CA ASN A 111 5.36 -17.06 16.12
C ASN A 111 6.56 -16.68 16.99
N GLN A 112 7.68 -16.22 16.37
CA GLN A 112 8.83 -15.79 17.18
C GLN A 112 8.93 -14.28 17.06
N ASP A 113 7.84 -13.71 16.65
CA ASP A 113 7.79 -12.27 16.44
C ASP A 113 8.77 -11.77 15.41
N LEU A 114 9.06 -12.62 14.46
CA LEU A 114 9.94 -12.20 13.32
C LEU A 114 8.98 -11.86 12.19
N ILE A 115 8.62 -10.59 12.07
CA ILE A 115 7.62 -10.02 11.16
C ILE A 115 8.13 -9.74 9.74
N TYR A 116 9.43 -9.74 9.54
CA TYR A 116 10.01 -9.52 8.20
C TYR A 116 10.67 -10.77 7.66
N THR A 117 10.34 -11.10 6.39
CA THR A 117 10.90 -12.26 5.70
C THR A 117 11.01 -11.93 4.24
N TYR A 118 12.13 -12.26 3.57
CA TYR A 118 12.26 -12.01 2.14
C TYR A 118 11.61 -13.17 1.40
N SER A 119 11.20 -12.89 0.18
CA SER A 119 10.72 -13.92 -0.72
C SER A 119 11.38 -13.55 -2.03
N GLY A 120 12.58 -13.99 -2.28
CA GLY A 120 13.20 -13.57 -3.49
C GLY A 120 13.44 -12.05 -3.42
N LEU A 121 12.89 -11.35 -4.43
CA LEU A 121 13.00 -9.93 -4.57
C LEU A 121 12.12 -9.26 -3.55
N PHE A 122 11.09 -9.90 -3.03
CA PHE A 122 10.31 -9.14 -2.07
C PHE A 122 10.76 -9.22 -0.59
N LEU A 123 10.40 -8.16 0.15
CA LEU A 123 10.50 -8.20 1.59
C LEU A 123 9.02 -8.35 1.99
N VAL A 124 8.71 -9.39 2.69
CA VAL A 124 7.37 -9.59 3.20
C VAL A 124 7.35 -9.06 4.63
N ALA A 125 6.40 -8.24 5.02
CA ALA A 125 6.33 -7.67 6.37
C ALA A 125 4.94 -7.95 6.95
N VAL A 126 4.82 -8.73 8.00
CA VAL A 126 3.45 -9.00 8.53
C VAL A 126 3.20 -8.21 9.80
N ASN A 127 2.13 -7.45 9.84
CA ASN A 127 1.88 -6.64 11.01
C ASN A 127 1.73 -7.55 12.20
N PRO A 128 2.47 -7.29 13.25
CA PRO A 128 2.37 -8.07 14.48
C PRO A 128 1.30 -7.54 15.41
N PHE A 129 0.83 -6.35 15.16
CA PHE A 129 -0.16 -5.70 16.03
C PHE A 129 0.29 -5.50 17.44
N LYS A 130 1.55 -5.18 17.67
CA LYS A 130 2.15 -4.86 18.96
C LYS A 130 3.41 -4.18 18.59
N ARG A 131 4.05 -3.49 19.52
CA ARG A 131 5.24 -2.71 19.20
C ARG A 131 6.54 -3.44 19.54
N ILE A 132 7.26 -3.88 18.53
CA ILE A 132 8.54 -4.59 18.66
C ILE A 132 9.62 -3.53 18.63
N PRO A 133 10.51 -3.49 19.62
CA PRO A 133 11.47 -2.37 19.67
C PRO A 133 12.63 -2.60 18.75
N ILE A 134 12.38 -2.59 17.45
CA ILE A 134 13.44 -2.81 16.56
C ILE A 134 13.77 -1.60 15.67
N TYR A 135 13.33 -0.45 16.06
CA TYR A 135 13.55 0.71 15.24
C TYR A 135 14.25 1.81 16.00
N THR A 136 15.00 1.47 17.02
CA THR A 136 15.65 2.48 17.78
C THR A 136 16.87 2.96 17.01
N GLN A 137 17.54 3.95 17.55
CA GLN A 137 18.75 4.38 16.84
C GLN A 137 19.81 3.35 16.78
N GLU A 138 19.90 2.57 17.85
CA GLU A 138 20.94 1.53 17.91
C GLU A 138 20.60 0.51 16.89
N MET A 139 19.27 0.31 16.66
CA MET A 139 18.88 -0.64 15.60
C MET A 139 19.26 -0.04 14.29
N VAL A 140 19.01 1.29 14.09
CA VAL A 140 19.41 1.94 12.82
C VAL A 140 20.90 1.66 12.48
N ASP A 141 21.73 1.83 13.50
CA ASP A 141 23.16 1.69 13.45
C ASP A 141 23.65 0.34 13.04
N ILE A 142 22.99 -0.69 13.51
CA ILE A 142 23.41 -2.02 13.07
C ILE A 142 23.23 -2.18 11.58
N PHE A 143 22.20 -1.58 10.98
CA PHE A 143 22.05 -1.85 9.54
C PHE A 143 23.02 -1.13 8.64
N LYS A 144 23.68 -0.12 9.16
CA LYS A 144 24.57 0.66 8.30
C LYS A 144 25.51 -0.06 7.34
N GLY A 145 25.30 0.13 6.06
CA GLY A 145 26.23 -0.50 5.14
C GLY A 145 26.26 -2.01 5.13
N ARG A 146 25.31 -2.70 5.74
CA ARG A 146 25.37 -4.19 5.65
C ARG A 146 24.60 -4.70 4.49
N ARG A 147 25.16 -5.71 3.84
CA ARG A 147 24.54 -6.41 2.71
C ARG A 147 23.28 -7.16 3.20
N ARG A 148 22.35 -7.36 2.27
CA ARG A 148 21.09 -8.08 2.53
C ARG A 148 21.35 -9.37 3.27
N ASN A 149 22.27 -10.09 2.72
CA ASN A 149 22.73 -11.35 3.22
C ASN A 149 23.53 -11.21 4.53
N GLU A 150 23.82 -10.03 5.03
CA GLU A 150 24.65 -10.08 6.23
C GLU A 150 23.89 -9.79 7.47
N VAL A 151 22.67 -9.32 7.30
CA VAL A 151 21.88 -8.98 8.44
C VAL A 151 20.50 -9.55 8.26
N ALA A 152 19.73 -9.54 9.35
CA ALA A 152 18.39 -10.13 9.35
C ALA A 152 17.48 -9.31 8.44
N PRO A 153 16.32 -9.88 8.10
CA PRO A 153 15.39 -9.16 7.27
C PRO A 153 14.85 -8.00 8.10
N HIS A 154 14.66 -6.81 7.48
CA HIS A 154 14.14 -5.58 8.15
C HIS A 154 13.92 -4.53 7.09
N ILE A 155 12.96 -3.69 7.30
CA ILE A 155 12.76 -2.52 6.42
C ILE A 155 14.06 -1.67 6.30
N PHE A 156 14.80 -1.59 7.40
CA PHE A 156 16.08 -0.86 7.42
C PHE A 156 17.08 -1.46 6.46
N ALA A 157 17.03 -2.77 6.39
CA ALA A 157 17.94 -3.42 5.53
C ALA A 157 17.68 -3.09 4.08
N ILE A 158 16.45 -3.23 3.62
CA ILE A 158 16.24 -2.85 2.20
C ILE A 158 16.51 -1.35 1.99
N SER A 159 16.22 -0.51 3.00
CA SER A 159 16.53 0.91 2.87
C SER A 159 18.06 1.12 2.73
N ASP A 160 18.86 0.34 3.42
CA ASP A 160 20.32 0.56 3.24
C ASP A 160 20.76 0.07 1.87
N VAL A 161 20.24 -1.05 1.48
CA VAL A 161 20.60 -1.57 0.16
C VAL A 161 20.30 -0.52 -0.95
N ALA A 162 19.13 0.03 -0.89
CA ALA A 162 18.77 1.06 -1.83
C ALA A 162 19.73 2.28 -1.79
N TYR A 163 20.00 2.76 -0.61
CA TYR A 163 20.92 3.92 -0.44
C TYR A 163 22.33 3.61 -1.04
N ARG A 164 22.88 2.45 -0.74
CA ARG A 164 24.19 2.06 -1.29
C ARG A 164 24.17 1.85 -2.76
N SER A 165 23.03 1.36 -3.25
CA SER A 165 22.89 1.17 -4.71
C SER A 165 22.90 2.53 -5.37
N MET A 166 22.21 3.40 -4.76
CA MET A 166 22.16 4.74 -5.33
C MET A 166 23.56 5.37 -5.43
N LEU A 167 24.31 5.34 -4.33
CA LEU A 167 25.66 5.89 -4.25
C LEU A 167 26.61 5.14 -5.15
N ASP A 168 26.42 3.80 -5.19
CA ASP A 168 27.26 2.94 -5.97
C ASP A 168 27.05 2.94 -7.48
N ASP A 169 25.81 2.85 -7.89
CA ASP A 169 25.44 2.77 -9.30
C ASP A 169 25.08 4.11 -9.86
N ARG A 170 24.99 5.07 -9.01
CA ARG A 170 24.64 6.43 -9.42
C ARG A 170 23.33 6.40 -10.19
N GLN A 171 22.36 5.72 -9.55
CA GLN A 171 21.03 5.46 -10.12
C GLN A 171 19.94 5.74 -9.10
N ASN A 172 18.87 6.45 -9.49
CA ASN A 172 17.73 6.71 -8.58
C ASN A 172 17.09 5.35 -8.19
N GLN A 173 16.42 5.32 -7.03
CA GLN A 173 15.89 4.10 -6.52
C GLN A 173 14.45 4.29 -6.17
N SER A 174 13.74 3.16 -6.00
CA SER A 174 12.36 3.26 -5.52
C SER A 174 12.06 2.11 -4.54
N LEU A 175 11.18 2.36 -3.55
CA LEU A 175 10.69 1.37 -2.63
C LEU A 175 9.17 1.41 -2.77
N LEU A 176 8.55 0.34 -3.28
CA LEU A 176 7.10 0.20 -3.43
C LEU A 176 6.54 -0.57 -2.20
N ILE A 177 5.78 0.16 -1.35
CA ILE A 177 5.23 -0.43 -0.14
C ILE A 177 3.70 -0.43 -0.26
N THR A 178 3.18 -1.63 -0.55
CA THR A 178 1.77 -1.84 -0.78
C THR A 178 1.20 -3.01 0.02
N GLY A 179 -0.13 -3.10 -0.02
CA GLY A 179 -0.91 -4.06 0.71
C GLY A 179 -2.17 -3.40 1.33
N GLU A 180 -2.92 -4.27 2.07
CA GLU A 180 -4.21 -3.85 2.68
C GLU A 180 -4.14 -2.85 3.77
N SER A 181 -5.30 -2.23 3.96
CA SER A 181 -5.46 -1.22 4.97
C SER A 181 -5.16 -1.89 6.33
N GLY A 182 -4.27 -1.26 7.09
CA GLY A 182 -3.92 -1.87 8.36
C GLY A 182 -2.71 -2.74 8.27
N ALA A 183 -2.15 -2.96 7.06
CA ALA A 183 -1.03 -3.83 6.92
C ALA A 183 0.29 -3.31 7.48
N GLY A 184 0.42 -1.99 7.61
CA GLY A 184 1.60 -1.26 8.15
C GLY A 184 2.44 -0.61 7.06
N LYS A 185 1.86 -0.23 5.92
CA LYS A 185 2.56 0.50 4.81
C LYS A 185 3.11 1.81 5.27
N THR A 186 2.24 2.58 5.91
CA THR A 186 2.60 3.94 6.42
C THR A 186 3.66 3.84 7.50
N GLU A 187 3.44 2.93 8.40
CA GLU A 187 4.41 2.72 9.46
C GLU A 187 5.80 2.42 8.84
N ASN A 188 5.89 1.47 7.94
CA ASN A 188 7.15 1.17 7.31
C ASN A 188 7.69 2.31 6.45
N THR A 189 6.82 3.04 5.83
CA THR A 189 7.29 4.17 5.02
C THR A 189 8.01 5.17 5.95
N LYS A 190 7.46 5.40 7.13
CA LYS A 190 8.06 6.30 8.08
C LYS A 190 9.39 5.72 8.58
N LYS A 191 9.50 4.42 8.61
CA LYS A 191 10.81 3.83 9.05
C LYS A 191 11.87 4.07 7.97
N VAL A 192 11.43 4.01 6.72
CA VAL A 192 12.35 4.25 5.59
C VAL A 192 12.92 5.68 5.66
N ILE A 193 12.04 6.66 5.87
CA ILE A 193 12.46 8.05 6.00
C ILE A 193 13.33 8.30 7.22
N GLN A 194 13.03 7.61 8.33
CA GLN A 194 13.74 7.73 9.55
C GLN A 194 15.10 7.22 9.29
N TYR A 195 15.14 6.08 8.67
CA TYR A 195 16.44 5.53 8.38
C TYR A 195 17.30 6.41 7.48
N LEU A 196 16.71 6.85 6.38
CA LEU A 196 17.53 7.65 5.44
C LEU A 196 18.01 8.95 6.08
N ALA A 197 17.19 9.58 6.86
CA ALA A 197 17.62 10.82 7.46
C ALA A 197 18.76 10.55 8.43
N SER A 198 18.84 9.36 8.99
CA SER A 198 19.93 9.11 9.88
C SER A 198 21.14 8.75 9.09
N VAL A 199 21.03 7.86 8.17
CA VAL A 199 22.25 7.50 7.48
C VAL A 199 22.82 8.59 6.53
N ALA A 200 22.00 9.57 6.10
CA ALA A 200 22.44 10.53 5.12
C ALA A 200 22.20 11.96 5.50
N GLY A 201 21.72 12.18 6.70
CA GLY A 201 21.38 13.55 7.08
C GLY A 201 22.60 14.30 7.58
N ARG A 202 22.49 15.60 7.74
CA ARG A 202 23.64 16.34 8.22
C ARG A 202 23.47 16.86 9.64
N ASN A 203 24.51 17.54 10.11
CA ASN A 203 24.54 18.19 11.40
C ASN A 203 23.90 17.36 12.49
N GLN A 204 24.07 16.04 12.39
CA GLN A 204 23.44 15.21 13.39
C GLN A 204 24.42 14.81 14.50
N GLY A 209 19.32 18.81 12.18
CA GLY A 209 19.33 19.62 10.96
C GLY A 209 17.92 20.10 10.63
N VAL A 210 17.82 21.32 10.12
CA VAL A 210 16.54 21.93 9.79
C VAL A 210 15.74 21.15 8.71
N LEU A 211 16.41 21.00 7.57
CA LEU A 211 15.86 20.28 6.44
C LEU A 211 15.34 18.93 6.89
N GLU A 212 16.16 18.17 7.60
CA GLU A 212 15.72 16.86 8.09
C GLU A 212 14.48 16.93 8.99
N GLN A 213 14.44 17.93 9.85
CA GLN A 213 13.31 18.03 10.75
C GLN A 213 12.08 18.45 9.96
N GLN A 214 12.30 19.25 8.95
CA GLN A 214 11.15 19.67 8.13
C GLN A 214 10.59 18.47 7.34
N ILE A 215 11.48 17.68 6.77
CA ILE A 215 11.14 16.50 6.03
C ILE A 215 10.39 15.60 6.97
N LEU A 216 10.99 15.30 8.12
CA LEU A 216 10.28 14.46 9.06
C LEU A 216 8.96 15.09 9.47
N GLN A 217 8.91 16.37 9.59
CA GLN A 217 7.67 16.98 10.06
C GLN A 217 6.58 17.04 9.01
N ALA A 218 6.83 16.66 7.80
CA ALA A 218 5.74 16.81 6.83
C ALA A 218 4.63 15.79 6.94
N ASN A 219 4.97 14.62 7.43
CA ASN A 219 4.05 13.51 7.53
C ASN A 219 2.86 13.80 8.43
N PRO A 220 3.23 14.09 9.65
CA PRO A 220 2.34 14.51 10.73
C PRO A 220 1.31 15.51 10.26
N ILE A 221 1.75 16.42 9.39
CA ILE A 221 0.84 17.41 8.82
C ILE A 221 -0.15 16.70 7.89
N LEU A 222 0.38 15.96 6.94
CA LEU A 222 -0.47 15.32 6.00
C LEU A 222 -1.35 14.28 6.65
N GLU A 223 -0.88 13.62 7.70
CA GLU A 223 -1.73 12.58 8.35
C GLU A 223 -2.93 13.16 9.02
N ALA A 224 -2.76 14.32 9.58
CA ALA A 224 -3.87 14.96 10.23
C ALA A 224 -4.99 15.36 9.24
N PHE A 225 -4.65 15.67 8.02
CA PHE A 225 -5.64 16.14 7.10
C PHE A 225 -6.06 15.05 6.16
N GLY A 226 -5.18 14.06 6.08
CA GLY A 226 -5.42 12.92 5.17
C GLY A 226 -5.69 11.59 5.82
N ASN A 227 -5.56 11.45 7.15
CA ASN A 227 -5.80 10.10 7.70
C ASN A 227 -7.03 10.18 8.63
N ALA A 228 -7.69 9.01 8.87
CA ALA A 228 -8.91 8.93 9.68
C ALA A 228 -9.12 7.57 10.24
N LYS A 229 -9.95 7.48 11.26
CA LYS A 229 -10.21 6.20 11.84
C LYS A 229 -11.17 5.45 10.99
N THR A 230 -10.81 4.28 10.57
CA THR A 230 -11.75 3.47 9.85
C THR A 230 -12.00 2.23 10.65
N THR A 231 -12.88 1.36 10.13
CA THR A 231 -13.08 0.09 10.85
C THR A 231 -11.87 -0.81 10.69
N ARG A 232 -11.03 -0.54 9.71
CA ARG A 232 -9.87 -1.41 9.57
C ARG A 232 -8.55 -0.79 10.15
N ASN A 233 -8.46 0.48 10.42
CA ASN A 233 -7.22 1.06 10.91
C ASN A 233 -7.58 2.34 11.58
N ASN A 234 -7.12 2.50 12.79
CA ASN A 234 -7.36 3.73 13.60
C ASN A 234 -6.66 4.96 12.99
N ASN A 235 -5.71 4.68 12.15
CA ASN A 235 -5.04 5.79 11.56
C ASN A 235 -4.89 5.49 10.09
N SER A 236 -6.00 5.19 9.46
CA SER A 236 -5.98 4.91 8.04
C SER A 236 -5.59 6.07 7.09
N SER A 237 -4.70 5.77 6.11
CA SER A 237 -4.32 6.75 5.06
C SER A 237 -5.44 6.78 4.04
N ARG A 238 -6.16 7.93 3.93
CA ARG A 238 -7.26 8.11 2.97
C ARG A 238 -6.78 8.77 1.67
N PHE A 239 -5.49 8.58 1.38
CA PHE A 239 -4.88 9.08 0.15
C PHE A 239 -3.66 8.25 -0.12
N GLY A 240 -3.18 8.19 -1.32
CA GLY A 240 -1.93 7.44 -1.56
C GLY A 240 -0.82 8.44 -1.74
N LYS A 241 0.43 7.97 -1.65
CA LYS A 241 1.49 8.97 -1.80
C LYS A 241 2.81 8.35 -2.33
N PHE A 242 3.55 9.23 -3.03
CA PHE A 242 4.90 8.97 -3.58
C PHE A 242 5.81 10.08 -3.05
N ILE A 243 6.71 9.66 -2.18
CA ILE A 243 7.57 10.66 -1.55
C ILE A 243 8.93 10.59 -2.18
N GLU A 244 9.40 11.68 -2.68
CA GLU A 244 10.70 11.56 -3.27
C GLU A 244 11.79 12.08 -2.30
N ILE A 245 12.67 11.21 -1.79
CA ILE A 245 13.73 11.72 -0.90
C ILE A 245 14.96 12.02 -1.80
N GLN A 246 15.36 13.34 -1.82
CA GLN A 246 16.42 13.97 -2.66
C GLN A 246 17.78 14.03 -2.03
N PHE A 247 18.77 13.65 -2.81
CA PHE A 247 20.15 13.67 -2.26
C PHE A 247 21.13 14.39 -3.14
N ASN A 248 22.22 14.88 -2.54
CA ASN A 248 23.24 15.50 -3.43
C ASN A 248 24.22 14.45 -3.91
N ASN A 249 25.18 14.82 -4.77
CA ASN A 249 26.19 13.96 -5.43
C ASN A 249 26.94 13.26 -4.33
N ALA A 250 26.96 13.92 -3.22
CA ALA A 250 27.67 13.33 -2.11
C ALA A 250 26.92 12.33 -1.27
N GLY A 251 25.63 12.17 -1.47
CA GLY A 251 24.88 11.14 -0.69
C GLY A 251 24.18 11.76 0.52
N PHE A 252 24.19 13.09 0.61
CA PHE A 252 23.52 13.77 1.70
C PHE A 252 22.15 14.20 1.24
N ILE A 253 21.18 14.08 2.17
CA ILE A 253 19.79 14.45 1.90
C ILE A 253 19.79 15.89 1.52
N SER A 254 19.11 16.22 0.46
CA SER A 254 19.11 17.64 0.07
C SER A 254 17.72 18.19 -0.13
N GLY A 255 16.73 17.36 -0.05
CA GLY A 255 15.38 17.88 -0.28
C GLY A 255 14.35 16.71 -0.22
N ALA A 256 13.14 17.03 -0.57
CA ALA A 256 12.08 16.07 -0.70
C ALA A 256 10.92 16.73 -1.44
N SER A 257 10.10 15.86 -2.05
CA SER A 257 8.81 16.24 -2.71
C SER A 257 7.80 15.12 -2.51
N ILE A 258 6.53 15.52 -2.42
CA ILE A 258 5.43 14.59 -2.22
C ILE A 258 4.39 14.77 -3.26
N GLN A 259 3.94 13.61 -3.78
CA GLN A 259 2.85 13.59 -4.72
C GLN A 259 1.75 12.79 -4.01
N SER A 260 0.49 13.29 -3.96
CA SER A 260 -0.64 12.62 -3.33
C SER A 260 -1.66 12.17 -4.36
N TYR A 261 -2.33 11.07 -4.07
CA TYR A 261 -3.33 10.58 -4.94
C TYR A 261 -4.60 10.17 -4.24
N LEU A 262 -5.68 10.20 -5.00
CA LEU A 262 -7.02 9.72 -4.58
C LEU A 262 -7.45 10.10 -3.18
N LEU A 263 -7.38 11.33 -2.79
CA LEU A 263 -7.87 11.59 -1.47
C LEU A 263 -9.36 11.27 -1.39
N GLU A 264 -9.87 10.64 -0.32
CA GLU A 264 -11.31 10.33 -0.18
C GLU A 264 -12.05 11.55 0.34
N LYS A 265 -12.35 12.46 -0.56
CA LYS A 265 -13.05 13.65 -0.14
C LYS A 265 -14.43 13.36 0.40
N SER A 266 -15.02 12.29 0.00
CA SER A 266 -16.34 11.95 0.47
C SER A 266 -16.43 11.79 2.01
N ARG A 267 -15.34 11.43 2.59
CA ARG A 267 -15.40 11.23 4.00
C ARG A 267 -15.67 12.48 4.73
N VAL A 268 -15.40 13.56 4.06
CA VAL A 268 -15.65 14.78 4.77
C VAL A 268 -17.11 14.97 5.16
N VAL A 269 -17.97 14.51 4.30
CA VAL A 269 -19.39 14.73 4.48
C VAL A 269 -20.15 13.53 5.00
N PHE A 270 -19.51 12.40 5.09
CA PHE A 270 -20.18 11.20 5.55
C PHE A 270 -19.20 10.19 6.07
N GLN A 271 -19.53 9.52 7.16
CA GLN A 271 -18.64 8.47 7.65
C GLN A 271 -19.50 7.25 8.07
N SER A 272 -19.08 6.04 7.78
CA SER A 272 -19.77 4.81 8.21
C SER A 272 -19.79 4.67 9.74
N GLU A 273 -20.69 3.83 10.22
CA GLU A 273 -20.78 3.59 11.66
C GLU A 273 -19.40 3.17 12.22
N THR A 274 -19.07 3.83 13.34
CA THR A 274 -17.86 3.62 14.14
C THR A 274 -16.62 4.34 13.66
N GLU A 275 -16.66 4.80 12.42
CA GLU A 275 -15.59 5.53 11.76
C GLU A 275 -15.56 6.98 12.15
N ARG A 276 -14.49 7.67 11.78
CA ARG A 276 -14.42 9.08 12.09
C ARG A 276 -14.19 9.89 10.83
N ASN A 277 -14.39 11.20 10.92
CA ASN A 277 -14.03 12.04 9.82
C ASN A 277 -12.48 12.19 9.89
N TYR A 278 -11.83 13.05 9.02
CA TYR A 278 -10.37 13.28 9.12
C TYR A 278 -9.93 13.71 10.53
N HIS A 279 -8.74 13.27 10.99
CA HIS A 279 -8.26 13.62 12.32
C HIS A 279 -8.37 15.07 12.67
N ILE A 280 -7.94 15.90 11.77
CA ILE A 280 -7.88 17.31 12.00
C ILE A 280 -9.12 17.97 12.58
N PHE A 281 -10.32 17.48 12.22
CA PHE A 281 -11.52 18.14 12.67
C PHE A 281 -11.60 18.01 14.14
N TYR A 282 -11.29 16.81 14.58
CA TYR A 282 -11.29 16.47 16.01
C TYR A 282 -10.16 17.12 16.73
N GLN A 283 -9.05 17.31 16.03
CA GLN A 283 -7.92 17.93 16.66
C GLN A 283 -8.24 19.36 17.00
N LEU A 284 -8.84 20.01 16.05
CA LEU A 284 -9.15 21.40 16.23
C LEU A 284 -10.09 21.67 17.39
N LEU A 285 -11.20 20.98 17.38
CA LEU A 285 -12.19 21.16 18.38
C LEU A 285 -11.65 20.84 19.76
N ALA A 286 -10.81 19.80 19.82
CA ALA A 286 -10.26 19.35 21.08
C ALA A 286 -9.29 20.34 21.64
N GLY A 287 -8.42 20.76 20.72
CA GLY A 287 -7.28 21.61 20.98
C GLY A 287 -7.38 23.09 20.77
N ALA A 288 -8.41 23.58 20.09
CA ALA A 288 -8.52 25.03 19.92
C ALA A 288 -8.59 25.63 21.31
N THR A 289 -8.13 26.87 21.38
CA THR A 289 -8.11 27.63 22.60
C THR A 289 -9.48 28.24 22.82
N ALA A 290 -9.95 28.30 24.07
CA ALA A 290 -11.26 28.85 24.36
C ALA A 290 -11.54 30.14 23.57
N GLU A 291 -10.46 30.87 23.27
CA GLU A 291 -10.56 32.08 22.49
C GLU A 291 -10.62 31.83 21.01
N GLU A 292 -10.06 30.71 20.58
CA GLU A 292 -10.07 30.35 19.18
C GLU A 292 -11.48 29.83 18.85
N LYS A 293 -12.02 29.05 19.82
CA LYS A 293 -13.32 28.44 19.62
C LYS A 293 -14.31 29.52 19.31
N LYS A 294 -14.39 30.43 20.26
CA LYS A 294 -15.24 31.58 20.19
C LYS A 294 -15.08 32.32 18.85
N ALA A 295 -13.86 32.56 18.40
CA ALA A 295 -13.74 33.24 17.13
C ALA A 295 -14.04 32.38 15.91
N LEU A 296 -14.10 31.06 16.11
CA LEU A 296 -14.34 30.17 14.97
C LEU A 296 -15.73 29.61 15.05
N HIS A 297 -16.42 29.99 16.11
CA HIS A 297 -17.76 29.53 16.31
C HIS A 297 -17.86 28.03 16.49
N LEU A 298 -16.91 27.51 17.26
CA LEU A 298 -16.83 26.09 17.50
C LEU A 298 -17.56 25.56 18.73
N ALA A 299 -17.97 24.32 18.63
CA ALA A 299 -18.59 23.61 19.69
C ALA A 299 -18.04 22.20 19.69
N GLY A 300 -18.70 21.35 20.42
CA GLY A 300 -18.26 20.00 20.45
C GLY A 300 -18.59 19.43 19.12
N PRO A 301 -18.06 18.24 18.88
CA PRO A 301 -18.26 17.50 17.64
C PRO A 301 -19.68 17.05 17.53
N GLU A 302 -20.25 16.79 18.68
CA GLU A 302 -21.59 16.32 18.70
C GLU A 302 -22.50 17.39 18.08
N SER A 303 -22.07 18.63 18.13
CA SER A 303 -22.86 19.73 17.54
C SER A 303 -22.62 19.93 16.03
N PHE A 304 -21.96 18.99 15.35
CA PHE A 304 -21.69 19.19 13.95
C PHE A 304 -22.14 18.04 13.18
N ASN A 305 -22.96 18.34 12.18
CA ASN A 305 -23.50 17.29 11.35
C ASN A 305 -22.41 16.45 10.73
N TYR A 306 -21.32 17.08 10.33
CA TYR A 306 -20.29 16.26 9.67
C TYR A 306 -19.48 15.42 10.66
N LEU A 307 -19.71 15.61 11.98
CA LEU A 307 -18.96 14.82 12.99
C LEU A 307 -19.83 14.06 13.96
N ASN A 308 -21.15 14.16 13.82
CA ASN A 308 -21.95 13.50 14.82
C ASN A 308 -22.83 12.45 14.25
N GLN A 309 -22.39 11.83 13.21
CA GLN A 309 -23.24 10.84 12.70
C GLN A 309 -22.72 9.41 12.92
N SER A 310 -21.39 9.25 12.95
CA SER A 310 -20.80 7.90 13.08
C SER A 310 -20.89 7.32 14.46
N GLY A 311 -21.26 8.10 15.44
CA GLY A 311 -21.25 7.47 16.75
C GLY A 311 -19.88 7.46 17.41
N CYS A 312 -18.85 7.82 16.64
CA CYS A 312 -17.53 7.79 17.26
C CYS A 312 -16.84 9.10 17.11
N VAL A 313 -16.31 9.62 18.17
CA VAL A 313 -15.64 10.87 17.98
C VAL A 313 -14.34 10.84 18.66
N ASP A 314 -14.06 9.66 19.21
CA ASP A 314 -12.76 9.56 19.85
C ASP A 314 -12.10 8.24 19.56
N ILE A 315 -10.78 8.22 19.67
CA ILE A 315 -10.01 7.00 19.40
C ILE A 315 -9.29 6.54 20.66
N LYS A 316 -9.56 5.28 20.97
CA LYS A 316 -9.01 4.61 22.13
C LYS A 316 -7.53 4.83 22.21
N GLY A 317 -7.14 5.58 23.25
CA GLY A 317 -5.73 5.80 23.46
C GLY A 317 -5.10 6.92 22.69
N VAL A 318 -5.92 7.80 22.16
CA VAL A 318 -5.42 8.94 21.43
C VAL A 318 -6.02 10.21 21.99
N SER A 319 -5.14 11.21 22.11
CA SER A 319 -5.55 12.54 22.57
C SER A 319 -5.62 13.54 21.43
N ASP A 320 -6.84 13.87 20.93
CA ASP A 320 -6.97 14.82 19.85
C ASP A 320 -6.32 16.15 20.17
N SER A 321 -6.37 16.55 21.47
CA SER A 321 -5.78 17.79 21.95
C SER A 321 -4.27 17.76 21.84
N GLU A 322 -3.71 16.65 22.28
CA GLU A 322 -2.26 16.53 22.25
C GLU A 322 -1.70 16.45 20.83
N GLU A 323 -2.51 15.80 19.94
CA GLU A 323 -2.15 15.61 18.52
C GLU A 323 -2.22 16.95 17.81
N PHE A 324 -3.25 17.70 18.20
CA PHE A 324 -3.36 19.03 17.65
C PHE A 324 -2.05 19.76 17.87
N LYS A 325 -1.54 19.65 19.10
CA LYS A 325 -0.30 20.29 19.50
C LYS A 325 0.77 19.88 18.53
N ILE A 326 0.78 18.57 18.32
CA ILE A 326 1.73 17.96 17.43
C ILE A 326 1.59 18.51 16.02
N THR A 327 0.35 18.58 15.54
CA THR A 327 0.07 19.15 14.22
C THR A 327 0.48 20.62 14.10
N ARG A 328 0.11 21.47 15.05
CA ARG A 328 0.54 22.88 14.95
C ARG A 328 2.10 23.01 15.03
N GLN A 329 2.68 22.12 15.82
CA GLN A 329 4.08 22.17 15.94
C GLN A 329 4.76 21.86 14.63
N ALA A 330 4.27 20.81 13.97
CA ALA A 330 4.82 20.43 12.64
C ALA A 330 4.73 21.60 11.67
N MET A 331 3.57 22.29 11.73
CA MET A 331 3.33 23.45 10.87
C MET A 331 4.33 24.55 11.08
N ASP A 332 4.64 24.78 12.36
CA ASP A 332 5.63 25.78 12.73
C ASP A 332 6.97 25.41 12.12
N ILE A 333 7.32 24.15 12.32
CA ILE A 333 8.59 23.72 11.81
C ILE A 333 8.67 23.77 10.31
N VAL A 334 7.63 23.36 9.61
CA VAL A 334 7.79 23.40 8.19
C VAL A 334 7.86 24.83 7.76
N GLY A 335 7.18 25.69 8.48
CA GLY A 335 7.26 27.05 8.06
C GLY A 335 5.94 27.70 7.67
N PHE A 336 4.82 27.23 8.21
CA PHE A 336 3.54 27.88 7.90
C PHE A 336 3.38 29.07 8.87
N SER A 337 3.10 30.24 8.38
CA SER A 337 2.94 31.42 9.21
C SER A 337 1.70 31.29 10.02
N GLN A 338 1.69 31.91 11.19
CA GLN A 338 0.51 31.82 12.01
C GLN A 338 -0.75 32.25 11.25
N GLU A 339 -0.55 33.18 10.36
CA GLU A 339 -1.69 33.66 9.59
C GLU A 339 -2.21 32.53 8.75
N GLU A 340 -1.28 31.92 8.05
CA GLU A 340 -1.59 30.79 7.23
C GLU A 340 -2.29 29.75 8.09
N GLN A 341 -1.76 29.54 9.27
CA GLN A 341 -2.33 28.55 10.16
C GLN A 341 -3.72 28.87 10.56
N MET A 342 -3.94 30.14 10.71
CA MET A 342 -5.27 30.57 11.08
C MET A 342 -6.27 30.29 9.98
N SER A 343 -5.92 30.69 8.77
CA SER A 343 -6.85 30.43 7.67
C SER A 343 -7.13 28.94 7.49
N ILE A 344 -6.11 28.08 7.76
CA ILE A 344 -6.31 26.64 7.59
C ILE A 344 -7.45 26.19 8.50
N PHE A 345 -7.31 26.62 9.72
CA PHE A 345 -8.28 26.23 10.71
C PHE A 345 -9.59 26.87 10.40
N LYS A 346 -9.52 28.07 9.84
CA LYS A 346 -10.79 28.69 9.51
C LYS A 346 -11.49 27.92 8.42
N ILE A 347 -10.70 27.36 7.50
CA ILE A 347 -11.30 26.55 6.45
C ILE A 347 -11.91 25.29 7.05
N ILE A 348 -11.20 24.68 8.00
CA ILE A 348 -11.71 23.49 8.66
C ILE A 348 -13.02 23.85 9.33
N ALA A 349 -13.00 25.05 9.92
CA ALA A 349 -14.17 25.51 10.64
C ALA A 349 -15.37 25.72 9.76
N GLY A 350 -15.14 26.52 8.70
CA GLY A 350 -16.22 26.83 7.77
C GLY A 350 -16.88 25.56 7.24
N ILE A 351 -16.04 24.57 6.94
CA ILE A 351 -16.52 23.31 6.44
C ILE A 351 -17.47 22.76 7.44
N LEU A 352 -17.08 22.76 8.69
CA LEU A 352 -18.01 22.24 9.67
C LEU A 352 -19.31 23.05 9.65
N HIS A 353 -19.19 24.38 9.55
CA HIS A 353 -20.39 25.25 9.50
C HIS A 353 -21.28 24.92 8.30
N LEU A 354 -20.66 24.78 7.11
CA LEU A 354 -21.39 24.45 5.92
C LEU A 354 -22.18 23.17 6.14
N GLY A 355 -21.64 22.25 6.89
CA GLY A 355 -22.36 20.99 7.03
C GLY A 355 -23.58 21.16 7.95
N ASN A 356 -23.60 22.25 8.70
CA ASN A 356 -24.67 22.49 9.63
C ASN A 356 -25.83 23.23 9.05
N ILE A 357 -25.70 23.63 7.79
CA ILE A 357 -26.76 24.29 7.06
C ILE A 357 -27.93 23.34 6.80
N LYS A 358 -29.11 23.75 7.27
CA LYS A 358 -30.35 22.97 7.08
C LYS A 358 -31.20 23.66 6.02
N PHE A 359 -31.39 22.95 4.92
CA PHE A 359 -32.19 23.47 3.84
C PHE A 359 -33.61 23.04 4.06
N GLU A 360 -34.52 24.00 3.83
CA GLU A 360 -35.94 23.74 3.94
C GLU A 360 -36.65 24.10 2.66
N LYS A 361 -37.76 23.41 2.45
CA LYS A 361 -38.56 23.59 1.29
C LYS A 361 -40.03 23.54 1.61
N GLY A 362 -40.80 23.40 0.53
CA GLY A 362 -42.25 23.34 0.56
C GLY A 362 -42.87 24.72 0.57
N ALA A 363 -42.13 25.70 0.05
CA ALA A 363 -42.67 27.04 -0.03
C ALA A 363 -43.27 27.06 -1.43
N GLY A 364 -42.42 26.60 -2.31
CA GLY A 364 -42.67 26.35 -3.69
C GLY A 364 -42.19 24.94 -3.75
N GLU A 365 -41.20 24.71 -4.56
CA GLU A 365 -40.59 23.41 -4.59
C GLU A 365 -39.10 23.67 -4.46
N GLY A 366 -38.77 24.96 -4.24
CA GLY A 366 -37.41 25.47 -4.12
C GLY A 366 -37.01 25.78 -2.71
N ALA A 367 -35.75 25.46 -2.41
CA ALA A 367 -35.23 25.65 -1.07
C ALA A 367 -34.98 27.07 -0.62
N VAL A 368 -34.95 27.15 0.72
CA VAL A 368 -34.73 28.37 1.45
C VAL A 368 -33.99 28.13 2.74
N LEU A 369 -33.53 29.24 3.31
CA LEU A 369 -32.83 29.30 4.55
C LEU A 369 -33.59 30.26 5.49
N LYS A 370 -34.24 29.71 6.52
CA LYS A 370 -34.98 30.48 7.53
C LYS A 370 -34.05 31.00 8.61
N ASP A 371 -33.23 30.08 9.16
CA ASP A 371 -32.19 30.37 10.15
C ASP A 371 -30.92 30.52 9.29
N LYS A 372 -30.10 31.53 9.56
CA LYS A 372 -28.94 31.80 8.73
C LYS A 372 -27.63 31.81 9.51
N THR A 373 -27.76 31.29 10.68
CA THR A 373 -26.67 31.15 11.59
C THR A 373 -25.51 30.35 11.02
N ALA A 374 -25.77 29.09 10.61
CA ALA A 374 -24.69 28.27 10.04
C ALA A 374 -24.07 28.99 8.86
N LEU A 375 -24.93 29.48 7.98
CA LEU A 375 -24.38 30.20 6.85
C LEU A 375 -23.49 31.39 7.26
N ASN A 376 -23.96 32.15 8.23
CA ASN A 376 -23.18 33.29 8.60
C ASN A 376 -21.84 32.90 9.15
N ALA A 377 -21.92 31.87 9.96
CA ALA A 377 -20.77 31.26 10.61
C ALA A 377 -19.76 30.89 9.53
N ALA A 378 -20.20 30.09 8.60
CA ALA A 378 -19.30 29.71 7.53
C ALA A 378 -18.78 30.92 6.76
N SER A 379 -19.66 31.86 6.35
CA SER A 379 -19.18 33.01 5.54
C SER A 379 -18.14 33.83 6.30
N THR A 380 -18.40 33.96 7.59
CA THR A 380 -17.51 34.73 8.42
C THR A 380 -16.09 34.23 8.31
N VAL A 381 -15.92 32.94 8.60
CA VAL A 381 -14.62 32.26 8.60
C VAL A 381 -13.98 32.15 7.22
N PHE A 382 -14.79 31.98 6.16
CA PHE A 382 -14.25 31.87 4.78
C PHE A 382 -13.89 33.22 4.23
N GLY A 383 -14.57 34.24 4.73
CA GLY A 383 -14.28 35.57 4.24
C GLY A 383 -15.02 35.86 2.92
N VAL A 384 -16.23 35.28 2.77
CA VAL A 384 -17.09 35.43 1.58
C VAL A 384 -18.42 36.05 1.98
N ASN A 385 -19.09 36.62 1.00
CA ASN A 385 -20.38 37.27 1.21
C ASN A 385 -21.56 36.27 1.36
N PRO A 386 -22.11 36.18 2.55
CA PRO A 386 -23.17 35.24 2.83
C PRO A 386 -24.30 35.31 1.91
N SER A 387 -24.60 36.51 1.42
CA SER A 387 -25.76 36.59 0.53
C SER A 387 -25.45 35.95 -0.80
N VAL A 388 -24.19 36.12 -1.20
CA VAL A 388 -23.68 35.53 -2.41
C VAL A 388 -23.59 34.01 -2.25
N LEU A 389 -23.11 33.58 -1.08
CA LEU A 389 -22.99 32.18 -0.75
C LEU A 389 -24.37 31.56 -0.83
N GLU A 390 -25.30 32.25 -0.22
CA GLU A 390 -26.67 31.84 -0.22
C GLU A 390 -27.24 31.67 -1.60
N LYS A 391 -27.01 32.66 -2.45
CA LYS A 391 -27.62 32.52 -3.75
C LYS A 391 -26.96 31.42 -4.52
N ALA A 392 -25.64 31.34 -4.35
CA ALA A 392 -24.86 30.36 -5.07
C ALA A 392 -25.22 28.95 -4.69
N LEU A 393 -25.68 28.78 -3.45
CA LEU A 393 -26.11 27.45 -3.00
C LEU A 393 -27.48 27.02 -3.55
N MET A 394 -28.48 27.88 -3.37
CA MET A 394 -29.83 27.52 -3.81
C MET A 394 -30.33 28.13 -5.10
N GLU A 395 -29.69 29.19 -5.54
CA GLU A 395 -30.13 29.72 -6.78
C GLU A 395 -28.99 29.87 -7.76
N PRO A 396 -28.26 28.81 -8.10
CA PRO A 396 -27.16 28.99 -9.04
C PRO A 396 -27.65 29.37 -10.45
N ARG A 397 -26.94 30.29 -11.08
CA ARG A 397 -27.29 30.69 -12.45
C ARG A 397 -26.79 29.65 -13.41
N ILE A 398 -27.65 29.14 -14.28
CA ILE A 398 -27.26 28.05 -15.17
C ILE A 398 -27.48 28.32 -16.67
N LEU A 399 -26.43 28.03 -17.41
CA LEU A 399 -26.36 28.17 -18.86
C LEU A 399 -27.24 27.17 -19.62
N ALA A 400 -28.31 27.70 -20.19
CA ALA A 400 -29.23 26.89 -20.97
C ALA A 400 -29.44 27.60 -22.27
N GLY A 401 -28.50 27.51 -23.16
CA GLY A 401 -28.69 28.21 -24.40
C GLY A 401 -27.76 29.39 -24.39
N ARG A 402 -28.29 30.57 -24.64
CA ARG A 402 -27.41 31.71 -24.56
C ARG A 402 -27.84 32.31 -23.29
N ASP A 403 -28.92 31.67 -22.81
CA ASP A 403 -29.61 32.08 -21.59
C ASP A 403 -28.92 31.71 -20.31
N LEU A 404 -28.34 32.70 -19.64
CA LEU A 404 -27.76 32.42 -18.38
C LEU A 404 -28.81 32.72 -17.32
N VAL A 405 -29.40 31.69 -16.72
CA VAL A 405 -30.49 31.91 -15.77
C VAL A 405 -30.34 31.19 -14.45
N ALA A 406 -30.72 31.91 -13.43
CA ALA A 406 -30.72 31.39 -12.09
C ALA A 406 -31.77 30.32 -11.83
N GLN A 407 -31.32 29.14 -11.46
CA GLN A 407 -32.27 28.07 -11.11
C GLN A 407 -32.41 27.86 -9.60
N HIS A 408 -33.65 27.80 -9.14
CA HIS A 408 -33.95 27.61 -7.74
C HIS A 408 -33.94 26.10 -7.43
N LEU A 409 -32.86 25.62 -6.80
CA LEU A 409 -32.83 24.20 -6.50
C LEU A 409 -33.64 23.86 -5.29
N ASN A 410 -34.10 22.59 -5.31
CA ASN A 410 -34.81 22.02 -4.18
C ASN A 410 -33.82 21.77 -3.02
N VAL A 411 -34.34 21.35 -1.86
CA VAL A 411 -33.52 21.08 -0.66
C VAL A 411 -32.43 20.02 -0.92
N GLU A 412 -32.81 18.98 -1.60
CA GLU A 412 -31.87 17.94 -1.94
C GLU A 412 -30.74 18.44 -2.78
N LYS A 413 -31.05 18.95 -3.95
CA LYS A 413 -30.03 19.42 -4.86
C LYS A 413 -29.24 20.46 -4.17
N SER A 414 -29.94 21.21 -3.38
CA SER A 414 -29.30 22.23 -2.67
C SER A 414 -28.24 21.66 -1.77
N SER A 415 -28.62 20.61 -1.06
CA SER A 415 -27.79 19.93 -0.08
C SER A 415 -26.57 19.28 -0.68
N SER A 416 -26.80 18.67 -1.82
CA SER A 416 -25.78 18.00 -2.58
C SER A 416 -24.74 19.04 -3.06
N SER A 417 -25.24 20.20 -3.48
CA SER A 417 -24.36 21.26 -3.94
C SER A 417 -23.41 21.72 -2.84
N ARG A 418 -24.03 21.89 -1.69
CA ARG A 418 -23.34 22.28 -0.48
C ARG A 418 -22.27 21.23 -0.20
N ASP A 419 -22.66 19.98 -0.31
CA ASP A 419 -21.68 18.94 -0.13
C ASP A 419 -20.53 19.03 -1.16
N ALA A 420 -20.89 19.36 -2.40
CA ALA A 420 -19.87 19.51 -3.41
C ALA A 420 -18.89 20.59 -3.02
N LEU A 421 -19.42 21.69 -2.51
CA LEU A 421 -18.59 22.80 -2.11
C LEU A 421 -17.58 22.35 -1.05
N VAL A 422 -18.10 21.68 -0.05
CA VAL A 422 -17.28 21.22 1.05
C VAL A 422 -16.12 20.30 0.55
N LYS A 423 -16.47 19.35 -0.28
CA LYS A 423 -15.49 18.45 -0.85
C LYS A 423 -14.44 19.22 -1.62
N ALA A 424 -14.84 20.24 -2.34
CA ALA A 424 -13.84 21.01 -3.12
C ALA A 424 -12.86 21.77 -2.27
N LEU A 425 -13.41 22.37 -1.24
CA LEU A 425 -12.59 23.12 -0.32
C LEU A 425 -11.62 22.16 0.27
N TYR A 426 -12.15 21.06 0.78
CA TYR A 426 -11.29 20.07 1.42
C TYR A 426 -10.14 19.58 0.52
N GLY A 427 -10.47 19.11 -0.67
CA GLY A 427 -9.44 18.57 -1.58
C GLY A 427 -8.49 19.65 -2.05
N ARG A 428 -9.02 20.84 -2.27
CA ARG A 428 -8.15 21.92 -2.69
C ARG A 428 -7.19 22.34 -1.54
N LEU A 429 -7.70 22.43 -0.33
CA LEU A 429 -6.86 22.69 0.80
C LEU A 429 -5.75 21.63 0.93
N PHE A 430 -6.10 20.38 0.79
CA PHE A 430 -5.12 19.32 0.88
C PHE A 430 -4.03 19.55 -0.17
N LEU A 431 -4.47 19.82 -1.37
CA LEU A 431 -3.54 20.02 -2.49
C LEU A 431 -2.58 21.20 -2.23
N TRP A 432 -3.12 22.25 -1.69
CA TRP A 432 -2.38 23.45 -1.34
C TRP A 432 -1.42 23.11 -0.20
N LEU A 433 -1.85 22.32 0.76
CA LEU A 433 -0.91 22.00 1.83
C LEU A 433 0.24 21.22 1.25
N VAL A 434 -0.07 20.33 0.31
CA VAL A 434 1.01 19.56 -0.28
C VAL A 434 2.00 20.50 -1.04
N LYS A 435 1.48 21.43 -1.79
CA LYS A 435 2.33 22.37 -2.55
C LYS A 435 3.15 23.22 -1.61
N LYS A 436 2.52 23.64 -0.55
CA LYS A 436 3.19 24.47 0.41
C LYS A 436 4.37 23.69 0.94
N ILE A 437 4.10 22.45 1.28
CA ILE A 437 5.15 21.61 1.80
C ILE A 437 6.27 21.44 0.76
N ASN A 438 5.90 21.11 -0.44
CA ASN A 438 6.87 20.91 -1.45
C ASN A 438 7.76 22.13 -1.63
N ASN A 439 7.16 23.27 -1.61
CA ASN A 439 7.90 24.52 -1.78
C ASN A 439 9.03 24.67 -0.83
N VAL A 440 8.73 24.37 0.39
CA VAL A 440 9.75 24.44 1.38
C VAL A 440 10.78 23.35 1.22
N LEU A 441 10.35 22.14 1.01
CA LEU A 441 11.25 20.99 0.95
C LEU A 441 12.00 20.69 -0.37
N CYS A 442 11.29 20.85 -1.49
CA CYS A 442 11.70 20.47 -2.83
C CYS A 442 12.83 21.18 -3.51
N GLN A 443 13.71 20.34 -4.10
CA GLN A 443 14.87 20.81 -4.85
C GLN A 443 14.72 20.87 -6.36
N GLU A 444 15.02 22.07 -6.85
CA GLU A 444 14.99 22.34 -8.27
C GLU A 444 16.15 21.60 -8.90
N ARG A 445 17.27 21.72 -8.21
CA ARG A 445 18.47 21.05 -8.59
C ARG A 445 18.71 19.96 -7.59
N LYS A 446 18.45 18.70 -8.00
CA LYS A 446 18.71 17.54 -7.15
C LYS A 446 19.58 16.61 -7.92
N ALA A 447 20.47 15.87 -7.25
CA ALA A 447 21.31 14.93 -7.97
C ALA A 447 20.68 13.55 -8.13
N TYR A 448 20.15 13.01 -7.05
CA TYR A 448 19.59 11.67 -7.04
C TYR A 448 18.36 11.67 -6.15
N PHE A 449 17.64 10.55 -6.16
CA PHE A 449 16.50 10.42 -5.26
C PHE A 449 16.22 8.95 -5.05
N ILE A 450 15.53 8.74 -3.96
CA ILE A 450 15.03 7.45 -3.54
C ILE A 450 13.56 7.73 -3.31
N GLY A 451 12.65 7.15 -4.06
CA GLY A 451 11.26 7.54 -3.81
C GLY A 451 10.50 6.39 -3.19
N VAL A 452 9.57 6.70 -2.30
CA VAL A 452 8.75 5.72 -1.62
C VAL A 452 7.24 5.91 -1.96
N LEU A 453 6.66 4.82 -2.40
CA LEU A 453 5.25 4.84 -2.77
C LEU A 453 4.52 4.13 -1.62
N ASP A 454 3.55 4.79 -1.06
CA ASP A 454 2.81 4.12 0.00
C ASP A 454 1.36 4.18 -0.41
N ILE A 455 0.87 3.09 -1.03
CA ILE A 455 -0.47 3.07 -1.55
C ILE A 455 -1.01 1.69 -1.31
N SER A 456 -2.32 1.56 -1.40
CA SER A 456 -2.86 0.22 -1.19
C SER A 456 -2.52 -0.67 -2.39
N GLY A 457 -2.66 -1.99 -2.17
CA GLY A 457 -2.55 -2.96 -3.21
C GLY A 457 -3.97 -3.09 -3.77
N PHE A 458 -4.25 -4.20 -4.44
CA PHE A 458 -5.59 -4.40 -5.04
C PHE A 458 -6.69 -4.21 -4.02
N GLU A 459 -7.82 -3.60 -4.37
CA GLU A 459 -8.92 -3.45 -3.43
C GLU A 459 -10.14 -4.31 -3.87
N ILE A 460 -10.62 -5.25 -3.05
CA ILE A 460 -11.80 -6.01 -3.45
C ILE A 460 -12.77 -6.05 -2.30
N PHE A 461 -13.65 -5.08 -2.23
CA PHE A 461 -14.60 -4.98 -1.15
C PHE A 461 -15.91 -5.61 -1.51
N LYS A 462 -16.86 -5.51 -0.61
CA LYS A 462 -18.24 -6.00 -0.82
C LYS A 462 -18.79 -5.21 -1.97
N VAL A 463 -18.46 -3.89 -1.94
CA VAL A 463 -18.86 -2.92 -2.95
C VAL A 463 -17.64 -2.27 -3.60
N ASN A 464 -17.48 -2.34 -4.93
CA ASN A 464 -16.36 -1.72 -5.63
C ASN A 464 -16.92 -0.64 -6.55
N SER A 465 -16.30 0.54 -6.49
CA SER A 465 -16.76 1.69 -7.21
C SER A 465 -15.60 2.32 -7.96
N PHE A 466 -15.80 3.58 -8.43
CA PHE A 466 -14.79 4.18 -9.30
C PHE A 466 -13.43 4.20 -8.68
N GLU A 467 -13.37 4.54 -7.44
CA GLU A 467 -12.05 4.63 -6.79
C GLU A 467 -11.32 3.32 -6.71
N GLN A 468 -12.11 2.26 -6.60
CA GLN A 468 -11.58 0.93 -6.59
C GLN A 468 -11.02 0.59 -7.97
N LEU A 469 -11.72 0.95 -9.04
CA LEU A 469 -11.17 0.63 -10.34
C LEU A 469 -9.81 1.36 -10.51
N CYS A 470 -9.80 2.59 -10.07
CA CYS A 470 -8.62 3.40 -10.16
C CYS A 470 -7.44 2.66 -9.52
N ILE A 471 -7.56 2.42 -8.22
CA ILE A 471 -6.47 1.74 -7.49
C ILE A 471 -6.13 0.38 -8.06
N ASN A 472 -7.09 -0.37 -8.60
CA ASN A 472 -6.75 -1.70 -9.16
C ASN A 472 -6.02 -1.57 -10.50
N TYR A 473 -6.39 -0.49 -11.21
CA TYR A 473 -5.77 -0.11 -12.48
C TYR A 473 -4.28 0.19 -12.22
N THR A 474 -4.02 1.00 -11.19
CA THR A 474 -2.61 1.29 -10.78
C THR A 474 -1.93 -0.04 -10.42
N ASN A 475 -2.60 -0.90 -9.64
CA ASN A 475 -1.98 -2.18 -9.24
C ASN A 475 -1.69 -3.14 -10.40
N GLU A 476 -2.51 -3.10 -11.48
CA GLU A 476 -2.17 -3.93 -12.63
C GLU A 476 -0.89 -3.39 -13.18
N LYS A 477 -0.81 -2.08 -13.23
CA LYS A 477 0.46 -1.51 -13.78
C LYS A 477 1.67 -1.88 -12.93
N LEU A 478 1.48 -1.83 -11.63
CA LEU A 478 2.60 -2.12 -10.71
C LEU A 478 2.99 -3.56 -10.74
N GLN A 479 1.99 -4.45 -10.85
CA GLN A 479 2.29 -5.89 -10.89
C GLN A 479 2.97 -6.20 -12.20
N GLN A 480 2.60 -5.51 -13.23
CA GLN A 480 3.27 -5.79 -14.51
C GLN A 480 4.74 -5.27 -14.47
N PHE A 481 4.92 -4.15 -13.77
CA PHE A 481 6.28 -3.61 -13.56
C PHE A 481 7.12 -4.63 -12.79
N PHE A 482 6.60 -5.15 -11.71
CA PHE A 482 7.35 -6.15 -11.00
C PHE A 482 7.73 -7.33 -11.86
N ASN A 483 6.73 -7.82 -12.56
CA ASN A 483 6.94 -9.01 -13.37
C ASN A 483 8.02 -8.73 -14.44
N HIS A 484 7.99 -7.55 -15.06
CA HIS A 484 9.06 -7.25 -16.00
C HIS A 484 10.45 -7.24 -15.29
N HIS A 485 10.46 -6.61 -14.15
CA HIS A 485 11.68 -6.55 -13.34
C HIS A 485 12.18 -7.93 -12.93
N MET A 486 11.33 -8.76 -12.34
CA MET A 486 11.77 -10.08 -11.90
C MET A 486 12.32 -10.86 -13.06
N PHE A 487 11.70 -10.64 -14.16
CA PHE A 487 12.16 -11.33 -15.33
C PHE A 487 13.60 -10.85 -15.71
N LYS A 488 13.85 -9.55 -15.73
CA LYS A 488 15.25 -9.12 -16.07
C LYS A 488 16.29 -9.60 -15.06
N LEU A 489 15.96 -9.52 -13.82
CA LEU A 489 16.89 -9.92 -12.80
C LEU A 489 17.23 -11.42 -12.84
N GLU A 490 16.23 -12.26 -13.01
CA GLU A 490 16.44 -13.68 -13.06
C GLU A 490 17.38 -14.04 -14.18
N GLN A 491 17.14 -13.42 -15.34
CA GLN A 491 18.00 -13.67 -16.52
C GLN A 491 19.45 -13.27 -16.26
N GLU A 492 19.63 -12.07 -15.66
CA GLU A 492 20.97 -11.56 -15.36
C GLU A 492 21.69 -12.56 -14.52
N GLU A 493 20.95 -12.96 -13.49
CA GLU A 493 21.53 -13.94 -12.59
C GLU A 493 22.03 -15.19 -13.31
N TYR A 494 21.13 -15.84 -14.05
CA TYR A 494 21.48 -17.04 -14.77
C TYR A 494 22.65 -16.70 -15.65
N LEU A 495 22.62 -15.49 -16.17
CA LEU A 495 23.73 -15.07 -17.00
C LEU A 495 25.01 -14.90 -16.24
N LYS A 496 25.03 -14.13 -15.16
CA LYS A 496 26.28 -14.03 -14.38
C LYS A 496 26.85 -15.36 -13.88
N GLU A 497 26.01 -16.38 -13.69
CA GLU A 497 26.50 -17.66 -13.17
C GLU A 497 26.79 -18.67 -14.25
N LYS A 498 26.56 -18.26 -15.50
CA LYS A 498 26.77 -19.06 -16.69
C LYS A 498 25.89 -20.30 -16.78
N ILE A 499 24.62 -20.12 -16.37
CA ILE A 499 23.61 -21.18 -16.35
C ILE A 499 22.64 -20.97 -17.50
N ASN A 500 22.25 -22.06 -18.17
CA ASN A 500 21.30 -21.98 -19.28
C ASN A 500 19.89 -21.47 -18.85
N LEU A 508 0.76 -8.83 -21.17
CA LEU A 508 0.28 -10.15 -21.39
C LEU A 508 -1.24 -10.22 -21.09
N ASP A 509 -1.46 -10.85 -19.96
CA ASP A 509 -2.79 -10.95 -19.45
C ASP A 509 -2.86 -9.62 -18.77
N SER A 510 -1.63 -9.19 -18.42
CA SER A 510 -1.56 -7.91 -17.77
C SER A 510 -1.99 -6.89 -18.78
N GLN A 511 -1.37 -7.02 -19.96
CA GLN A 511 -1.69 -6.06 -20.97
C GLN A 511 -3.18 -5.98 -21.31
N ALA A 512 -3.81 -7.13 -21.41
CA ALA A 512 -5.22 -7.24 -21.79
C ALA A 512 -6.12 -6.58 -20.75
N THR A 513 -5.83 -6.81 -19.45
CA THR A 513 -6.66 -6.14 -18.46
C THR A 513 -6.44 -4.69 -18.55
N ILE A 514 -5.13 -4.30 -18.62
CA ILE A 514 -4.78 -2.87 -18.71
C ILE A 514 -5.51 -2.19 -19.88
N ASP A 515 -5.47 -2.84 -21.05
CA ASP A 515 -6.12 -2.22 -22.22
C ASP A 515 -7.63 -2.02 -22.09
N LEU A 516 -8.29 -2.98 -21.41
CA LEU A 516 -9.75 -2.95 -21.22
C LEU A 516 -10.15 -1.74 -20.39
N ILE A 517 -9.20 -1.42 -19.51
CA ILE A 517 -9.45 -0.26 -18.65
C ILE A 517 -9.15 1.01 -19.35
N ASP A 518 -7.88 1.11 -19.83
CA ASP A 518 -7.40 2.37 -20.38
C ASP A 518 -7.24 2.54 -21.89
N GLY A 519 -7.54 1.52 -22.64
CA GLY A 519 -7.50 1.54 -24.11
C GLY A 519 -8.18 2.76 -24.78
N ARG A 520 -7.61 3.19 -25.95
CA ARG A 520 -8.20 4.29 -26.63
C ARG A 520 -8.98 3.86 -27.90
N GLN A 521 -8.47 2.90 -28.65
CA GLN A 521 -9.14 2.44 -29.82
C GLN A 521 -8.75 1.03 -30.01
N PRO A 522 -9.68 0.14 -29.86
CA PRO A 522 -10.99 0.43 -29.50
C PRO A 522 -11.01 0.97 -28.09
N PRO A 523 -12.07 1.58 -27.75
CA PRO A 523 -12.13 2.23 -26.48
C PRO A 523 -12.31 1.29 -25.32
N GLY A 524 -11.65 1.64 -24.19
CA GLY A 524 -11.74 0.82 -23.00
C GLY A 524 -12.72 1.45 -22.03
N ILE A 525 -12.76 0.91 -20.79
CA ILE A 525 -13.73 1.45 -19.81
C ILE A 525 -13.57 2.93 -19.58
N LEU A 526 -12.35 3.40 -19.26
CA LEU A 526 -12.32 4.82 -19.00
C LEU A 526 -12.69 5.70 -20.21
N ALA A 527 -12.32 5.28 -21.38
CA ALA A 527 -12.63 6.11 -22.57
C ALA A 527 -14.15 6.27 -22.79
N LEU A 528 -14.87 5.15 -22.62
CA LEU A 528 -16.32 5.20 -22.77
C LEU A 528 -16.98 6.06 -21.68
N LEU A 529 -16.41 6.04 -20.47
CA LEU A 529 -16.89 6.88 -19.36
C LEU A 529 -16.67 8.34 -19.72
N ASP A 530 -15.48 8.65 -20.24
CA ASP A 530 -15.21 10.03 -20.66
C ASP A 530 -16.17 10.47 -21.71
N GLU A 531 -16.52 9.54 -22.60
CA GLU A 531 -17.44 9.96 -23.65
C GLU A 531 -18.80 10.31 -23.18
N GLN A 532 -19.35 9.50 -22.32
CA GLN A 532 -20.65 9.76 -21.74
C GLN A 532 -20.67 11.02 -20.89
N SER A 533 -19.52 11.32 -20.31
CA SER A 533 -19.37 12.45 -19.42
C SER A 533 -19.64 13.77 -20.07
N VAL A 534 -19.58 13.79 -21.38
CA VAL A 534 -19.86 15.06 -22.02
C VAL A 534 -21.36 15.40 -22.12
N PHE A 535 -22.21 14.39 -22.00
CA PHE A 535 -23.68 14.55 -22.13
C PHE A 535 -24.28 14.75 -20.76
N PRO A 536 -24.67 15.97 -20.48
CA PRO A 536 -25.27 16.34 -19.18
C PRO A 536 -26.40 15.42 -18.71
N ASN A 537 -27.22 14.94 -19.64
CA ASN A 537 -28.32 14.05 -19.37
C ASN A 537 -27.99 12.57 -19.38
N ALA A 538 -26.73 12.20 -19.46
CA ALA A 538 -26.46 10.74 -19.42
C ALA A 538 -26.73 10.28 -17.99
N THR A 539 -26.93 8.96 -17.83
CA THR A 539 -27.22 8.37 -16.54
C THR A 539 -26.39 7.11 -16.33
N ASP A 540 -26.50 6.55 -15.12
CA ASP A 540 -25.86 5.29 -14.73
C ASP A 540 -26.22 4.22 -15.78
N ASN A 541 -27.49 4.21 -16.19
CA ASN A 541 -27.98 3.24 -17.12
C ASN A 541 -27.39 3.41 -18.52
N THR A 542 -27.28 4.65 -18.98
CA THR A 542 -26.71 4.80 -20.32
C THR A 542 -25.31 4.27 -20.28
N LEU A 543 -24.57 4.66 -19.24
CA LEU A 543 -23.17 4.24 -19.10
C LEU A 543 -22.98 2.75 -19.05
N ILE A 544 -23.58 2.10 -18.06
CA ILE A 544 -23.37 0.67 -17.99
C ILE A 544 -23.86 -0.05 -19.27
N THR A 545 -24.91 0.45 -19.91
CA THR A 545 -25.38 -0.27 -21.11
C THR A 545 -24.33 -0.17 -22.20
N LYS A 546 -23.72 1.04 -22.29
CA LYS A 546 -22.62 1.26 -23.26
C LYS A 546 -21.43 0.28 -23.05
N LEU A 547 -21.03 0.14 -21.79
CA LEU A 547 -19.98 -0.79 -21.40
C LEU A 547 -20.33 -2.21 -21.82
N HIS A 548 -21.50 -2.73 -21.36
CA HIS A 548 -21.89 -4.08 -21.72
C HIS A 548 -21.87 -4.21 -23.24
N SER A 549 -22.38 -3.17 -23.92
CA SER A 549 -22.52 -3.19 -25.41
C SER A 549 -21.15 -3.45 -26.04
N HIS A 550 -20.12 -2.84 -25.46
CA HIS A 550 -18.82 -3.02 -26.07
C HIS A 550 -18.12 -4.17 -25.55
N PHE A 551 -18.38 -4.69 -24.32
CA PHE A 551 -17.48 -5.77 -23.88
C PHE A 551 -18.10 -7.07 -23.49
N SER A 552 -19.43 -7.04 -23.28
CA SER A 552 -20.13 -8.31 -22.84
C SER A 552 -20.04 -9.43 -23.91
N LYS A 553 -19.37 -10.56 -23.60
CA LYS A 553 -19.06 -11.68 -24.53
C LYS A 553 -18.14 -11.22 -25.71
N LYS A 554 -17.58 -10.05 -25.58
CA LYS A 554 -16.73 -9.47 -26.61
C LYS A 554 -15.33 -9.26 -26.10
N ASN A 555 -15.15 -9.01 -24.83
CA ASN A 555 -13.80 -8.86 -24.27
C ASN A 555 -13.65 -9.90 -23.20
N ALA A 556 -12.73 -10.82 -23.38
CA ALA A 556 -12.45 -11.89 -22.45
C ALA A 556 -12.21 -11.55 -20.96
N LYS A 557 -11.83 -10.34 -20.62
CA LYS A 557 -11.62 -10.01 -19.20
C LYS A 557 -12.82 -9.28 -18.61
N TYR A 558 -13.92 -9.15 -19.34
CA TYR A 558 -15.08 -8.40 -18.82
C TYR A 558 -16.21 -9.34 -18.65
N GLU A 559 -17.11 -9.10 -17.74
CA GLU A 559 -18.26 -9.97 -17.56
C GLU A 559 -19.50 -9.16 -17.17
N GLU A 560 -20.60 -9.32 -17.96
CA GLU A 560 -21.86 -8.61 -17.62
C GLU A 560 -22.59 -9.54 -16.64
N PRO A 561 -23.05 -9.07 -15.49
CA PRO A 561 -23.63 -10.01 -14.57
C PRO A 561 -24.90 -10.70 -15.06
N ARG A 562 -25.22 -11.88 -14.46
CA ARG A 562 -26.47 -12.54 -14.84
C ARG A 562 -27.68 -11.73 -14.46
N PHE A 563 -27.67 -11.02 -13.35
CA PHE A 563 -28.85 -10.31 -13.02
C PHE A 563 -28.70 -8.82 -12.76
N SER A 564 -27.67 -8.44 -12.01
CA SER A 564 -27.51 -7.02 -11.67
C SER A 564 -27.47 -6.24 -12.94
N LYS A 565 -28.11 -5.09 -12.88
CA LYS A 565 -28.19 -4.17 -13.97
C LYS A 565 -27.25 -3.03 -13.69
N THR A 566 -26.57 -3.07 -12.55
CA THR A 566 -25.74 -1.94 -12.27
C THR A 566 -24.26 -2.27 -12.10
N GLU A 567 -23.89 -3.47 -12.31
CA GLU A 567 -22.50 -3.72 -12.05
C GLU A 567 -21.93 -4.43 -13.24
N PHE A 568 -20.59 -4.59 -13.24
CA PHE A 568 -19.78 -5.28 -14.29
C PHE A 568 -18.55 -5.81 -13.65
N GLY A 569 -18.04 -6.89 -14.22
CA GLY A 569 -16.85 -7.50 -13.66
C GLY A 569 -15.65 -7.36 -14.59
N VAL A 570 -14.54 -7.28 -13.93
CA VAL A 570 -13.22 -7.22 -14.58
C VAL A 570 -12.34 -8.27 -14.01
N THR A 571 -11.72 -9.06 -14.86
CA THR A 571 -10.79 -10.04 -14.34
C THR A 571 -9.43 -9.36 -14.18
N HIS A 572 -9.08 -9.17 -12.95
CA HIS A 572 -7.82 -8.57 -12.62
C HIS A 572 -6.79 -9.64 -12.31
N TYR A 573 -5.60 -9.15 -12.11
CA TYR A 573 -4.48 -10.00 -11.77
C TYR A 573 -4.83 -10.81 -10.52
N ALA A 574 -5.36 -10.11 -9.53
CA ALA A 574 -5.79 -10.62 -8.25
C ALA A 574 -7.07 -11.44 -8.30
N GLY A 575 -7.71 -11.48 -9.46
CA GLY A 575 -9.00 -12.15 -9.64
C GLY A 575 -10.11 -11.21 -10.11
N GLN A 576 -11.34 -11.74 -10.22
CA GLN A 576 -12.39 -10.92 -10.72
C GLN A 576 -12.82 -9.93 -9.70
N VAL A 577 -13.07 -8.79 -10.19
CA VAL A 577 -13.59 -7.77 -9.34
C VAL A 577 -14.92 -7.27 -9.92
N MET A 578 -15.97 -7.23 -9.11
CA MET A 578 -17.25 -6.68 -9.54
C MET A 578 -17.38 -5.22 -9.11
N TYR A 579 -17.70 -4.35 -10.10
CA TYR A 579 -17.89 -2.92 -9.91
C TYR A 579 -19.31 -2.52 -10.13
N GLU A 580 -19.71 -1.55 -9.38
CA GLU A 580 -20.99 -0.94 -9.46
C GLU A 580 -20.77 0.41 -10.07
N ILE A 581 -21.67 0.79 -10.95
CA ILE A 581 -21.55 2.01 -11.73
C ILE A 581 -22.18 3.24 -11.10
N GLN A 582 -22.94 3.16 -10.03
CA GLN A 582 -23.59 4.43 -9.55
C GLN A 582 -22.71 5.63 -9.35
N ASP A 583 -23.18 6.79 -9.84
CA ASP A 583 -22.51 8.10 -9.75
C ASP A 583 -21.19 8.29 -10.48
N TRP A 584 -20.74 7.28 -11.25
CA TRP A 584 -19.46 7.43 -11.93
C TRP A 584 -19.43 8.67 -12.77
N LEU A 585 -20.56 9.00 -13.38
CA LEU A 585 -20.63 10.17 -14.24
C LEU A 585 -20.32 11.39 -13.48
N GLU A 586 -20.90 11.42 -12.31
CA GLU A 586 -20.67 12.54 -11.43
C GLU A 586 -19.21 12.58 -10.92
N LYS A 587 -18.75 11.39 -10.47
CA LYS A 587 -17.37 11.28 -9.98
C LYS A 587 -16.35 11.72 -11.03
N ASN A 588 -16.70 11.41 -12.27
CA ASN A 588 -15.85 11.71 -13.39
C ASN A 588 -15.73 13.17 -13.66
N LYS A 589 -16.79 13.94 -13.41
CA LYS A 589 -16.71 15.38 -13.71
C LYS A 589 -16.41 16.17 -12.44
N ASP A 590 -16.77 15.59 -11.31
CA ASP A 590 -16.55 16.20 -10.04
C ASP A 590 -17.05 17.63 -10.06
N PRO A 591 -18.30 17.83 -10.45
CA PRO A 591 -18.81 19.19 -10.61
C PRO A 591 -18.99 20.09 -9.39
N LEU A 592 -18.86 21.40 -9.68
CA LEU A 592 -19.11 22.49 -8.72
C LEU A 592 -19.76 23.68 -9.47
N GLN A 593 -20.82 24.21 -8.93
CA GLN A 593 -21.48 25.26 -9.58
C GLN A 593 -20.57 26.45 -9.77
N GLN A 594 -20.62 27.03 -10.95
CA GLN A 594 -19.79 28.18 -11.21
C GLN A 594 -20.03 29.30 -10.22
N ASP A 595 -21.30 29.53 -9.88
CA ASP A 595 -21.52 30.60 -8.94
C ASP A 595 -20.76 30.37 -7.64
N LEU A 596 -20.59 29.11 -7.30
CA LEU A 596 -19.83 28.83 -6.07
C LEU A 596 -18.36 29.23 -6.27
N GLU A 597 -17.79 28.91 -7.43
CA GLU A 597 -16.42 29.35 -7.63
C GLU A 597 -16.29 30.86 -7.53
N LEU A 598 -17.26 31.54 -8.12
CA LEU A 598 -17.35 32.99 -8.13
C LEU A 598 -17.37 33.57 -6.72
N CYS A 599 -18.20 32.97 -5.91
CA CYS A 599 -18.34 33.44 -4.56
C CYS A 599 -17.02 33.46 -3.84
N PHE A 600 -16.35 32.31 -3.82
CA PHE A 600 -15.13 32.13 -3.09
C PHE A 600 -13.94 32.78 -3.75
N LYS A 601 -14.05 32.97 -5.05
CA LYS A 601 -12.95 33.64 -5.71
C LYS A 601 -12.65 35.02 -5.11
N ASP A 602 -13.66 35.58 -4.47
CA ASP A 602 -13.65 36.88 -3.86
C ASP A 602 -13.34 36.81 -2.41
N SER A 603 -13.06 35.61 -1.94
CA SER A 603 -12.83 35.51 -0.53
C SER A 603 -11.87 36.57 -0.06
N SER A 604 -11.97 37.00 1.19
CA SER A 604 -10.99 37.94 1.69
C SER A 604 -9.90 37.17 2.40
N ASP A 605 -9.97 35.84 2.40
CA ASP A 605 -8.98 35.00 3.03
C ASP A 605 -7.81 34.73 2.12
N ASN A 606 -6.62 34.93 2.64
CA ASN A 606 -5.45 34.77 1.84
C ASN A 606 -5.18 33.36 1.46
N VAL A 607 -5.77 32.44 2.16
CA VAL A 607 -5.54 31.10 1.71
C VAL A 607 -6.65 30.68 0.75
N VAL A 608 -7.86 31.00 1.14
CA VAL A 608 -8.99 30.63 0.30
C VAL A 608 -8.89 31.13 -1.11
N THR A 609 -8.49 32.35 -1.26
CA THR A 609 -8.32 32.92 -2.59
C THR A 609 -7.45 32.04 -3.46
N LYS A 610 -6.43 31.50 -2.79
CA LYS A 610 -5.54 30.64 -3.52
C LYS A 610 -6.29 29.40 -4.00
N LEU A 611 -7.06 28.75 -3.12
CA LEU A 611 -7.81 27.54 -3.53
C LEU A 611 -8.67 27.80 -4.74
N PHE A 612 -9.09 29.05 -4.95
CA PHE A 612 -9.96 29.29 -6.10
C PHE A 612 -9.37 30.06 -7.26
N ASN A 613 -8.31 30.83 -6.99
CA ASN A 613 -7.67 31.60 -8.07
C ASN A 613 -6.48 30.98 -8.75
N ASP A 614 -5.82 30.07 -8.06
CA ASP A 614 -4.70 29.39 -8.67
C ASP A 614 -5.19 28.23 -9.55
N PRO A 615 -5.03 28.32 -10.84
CA PRO A 615 -5.51 27.26 -11.68
C PRO A 615 -4.83 25.92 -11.43
N ASN A 616 -3.72 25.96 -10.70
CA ASN A 616 -3.01 24.74 -10.40
C ASN A 616 -3.66 23.94 -9.26
N ILE A 617 -4.46 24.62 -8.52
CA ILE A 617 -5.20 24.01 -7.44
C ILE A 617 -6.69 23.93 -7.77
N ALA A 618 -7.25 24.99 -8.35
CA ALA A 618 -8.66 25.09 -8.61
C ALA A 618 -9.18 24.22 -9.75
N SER A 619 -8.27 23.74 -10.61
CA SER A 619 -8.69 22.96 -11.78
C SER A 619 -7.78 21.82 -12.15
N ARG A 620 -8.35 20.83 -12.81
CA ARG A 620 -7.66 19.68 -13.24
C ARG A 620 -6.77 19.94 -14.45
N ALA A 621 -7.15 20.80 -15.31
CA ALA A 621 -6.22 20.82 -16.41
C ALA A 621 -5.54 22.18 -16.60
N PHE A 627 -10.72 20.93 -20.96
CA PHE A 627 -11.10 20.38 -19.65
C PHE A 627 -11.05 18.82 -19.59
N ILE A 628 -10.11 18.37 -18.70
CA ILE A 628 -9.89 16.93 -18.45
C ILE A 628 -10.53 16.47 -17.15
N THR A 629 -11.16 15.21 -17.44
CA THR A 629 -11.98 14.40 -16.50
C THR A 629 -11.11 13.81 -15.43
N VAL A 630 -11.75 13.33 -14.38
CA VAL A 630 -11.04 12.74 -13.26
C VAL A 630 -10.35 11.44 -13.71
N ALA A 631 -10.99 10.66 -14.59
CA ALA A 631 -10.34 9.43 -15.16
C ALA A 631 -9.13 9.77 -16.00
N ALA A 632 -9.26 10.78 -16.84
CA ALA A 632 -8.13 11.20 -17.70
C ALA A 632 -6.93 11.70 -16.85
N GLN A 633 -7.26 12.39 -15.77
CA GLN A 633 -6.19 12.86 -14.89
C GLN A 633 -5.53 11.73 -14.15
N TYR A 634 -6.38 10.78 -13.78
CA TYR A 634 -5.88 9.62 -13.11
C TYR A 634 -4.97 8.85 -14.01
N LYS A 635 -5.41 8.70 -15.24
CA LYS A 635 -4.61 7.91 -16.15
C LYS A 635 -3.27 8.61 -16.41
N GLU A 636 -3.33 9.91 -16.42
CA GLU A 636 -2.16 10.71 -16.69
C GLU A 636 -1.19 10.68 -15.55
N GLN A 637 -1.67 10.86 -14.36
CA GLN A 637 -0.77 10.81 -13.23
C GLN A 637 -0.15 9.41 -13.02
N LEU A 638 -0.88 8.37 -13.35
CA LEU A 638 -0.35 7.06 -13.17
C LEU A 638 0.77 6.86 -14.21
N ALA A 639 0.55 7.28 -15.41
CA ALA A 639 1.61 7.11 -16.41
C ALA A 639 2.91 7.91 -16.02
N SER A 640 2.74 9.10 -15.45
CA SER A 640 3.96 9.81 -15.08
C SER A 640 4.64 9.07 -14.03
N LEU A 641 3.87 8.56 -13.08
CA LEU A 641 4.44 7.82 -11.98
C LEU A 641 5.23 6.60 -12.48
N MET A 642 4.61 5.86 -13.37
CA MET A 642 5.25 4.69 -13.89
C MET A 642 6.48 5.13 -14.64
N ALA A 643 6.42 6.28 -15.30
CA ALA A 643 7.61 6.73 -16.08
C ALA A 643 8.81 6.94 -15.15
N THR A 644 8.55 7.57 -14.01
CA THR A 644 9.53 7.81 -13.02
C THR A 644 10.03 6.50 -12.49
N LEU A 645 9.16 5.55 -12.16
CA LEU A 645 9.62 4.29 -11.60
C LEU A 645 10.52 3.55 -12.55
N GLU A 646 10.15 3.65 -13.80
CA GLU A 646 10.91 2.94 -14.81
C GLU A 646 12.31 3.44 -14.85
N THR A 647 12.53 4.71 -14.37
CA THR A 647 13.93 5.21 -14.34
C THR A 647 14.68 4.75 -13.10
N THR A 648 14.03 3.97 -12.22
CA THR A 648 14.75 3.63 -11.02
C THR A 648 15.07 2.17 -10.93
N ASN A 649 15.87 1.84 -9.88
CA ASN A 649 16.14 0.48 -9.53
C ASN A 649 15.12 0.28 -8.37
N PRO A 650 14.08 -0.55 -8.56
CA PRO A 650 13.04 -0.61 -7.54
C PRO A 650 13.28 -1.72 -6.53
N HIS A 651 12.58 -1.58 -5.36
CA HIS A 651 12.61 -2.51 -4.26
C HIS A 651 11.17 -2.68 -3.79
N PHE A 652 10.76 -3.90 -3.59
CA PHE A 652 9.34 -4.20 -3.28
C PHE A 652 9.08 -4.73 -1.91
N VAL A 653 8.23 -4.01 -1.16
CA VAL A 653 7.87 -4.51 0.16
C VAL A 653 6.37 -4.88 0.14
N ARG A 654 6.02 -6.09 0.55
CA ARG A 654 4.64 -6.46 0.58
C ARG A 654 4.24 -6.51 2.07
N CYS A 655 3.41 -5.55 2.48
CA CYS A 655 2.90 -5.56 3.88
C CYS A 655 1.62 -6.39 3.89
N ILE A 656 1.46 -7.25 4.91
CA ILE A 656 0.33 -8.19 5.10
C ILE A 656 -0.33 -8.03 6.45
N ILE A 657 -1.65 -8.10 6.51
CA ILE A 657 -2.36 -8.04 7.82
C ILE A 657 -2.50 -9.50 8.25
N PRO A 658 -2.38 -9.81 9.53
CA PRO A 658 -2.45 -11.19 9.91
C PRO A 658 -3.88 -11.76 10.04
N ASN A 659 -4.83 -10.83 10.16
CA ASN A 659 -6.28 -11.17 10.35
C ASN A 659 -7.01 -9.90 10.15
N ASN A 660 -8.34 -9.95 10.21
CA ASN A 660 -9.18 -8.75 10.01
C ASN A 660 -9.68 -8.18 11.29
N LYS A 661 -8.99 -8.48 12.35
CA LYS A 661 -9.45 -8.00 13.60
C LYS A 661 -8.42 -7.10 14.22
N GLN A 662 -7.33 -6.72 13.57
CA GLN A 662 -6.41 -5.89 14.34
C GLN A 662 -5.87 -6.54 15.67
N LEU A 663 -5.69 -7.85 15.68
CA LEU A 663 -5.14 -8.54 16.87
C LEU A 663 -3.73 -9.14 16.70
N PRO A 664 -2.88 -9.10 17.80
CA PRO A 664 -1.54 -9.74 17.77
C PRO A 664 -1.73 -11.19 17.99
N ALA A 665 -0.76 -11.96 17.64
CA ALA A 665 -0.74 -13.41 17.87
C ALA A 665 -1.88 -14.16 17.24
N LYS A 666 -2.37 -13.73 16.11
CA LYS A 666 -3.47 -14.47 15.49
C LYS A 666 -3.30 -14.45 13.99
N LEU A 667 -2.37 -15.31 13.51
CA LEU A 667 -2.05 -15.35 12.11
C LEU A 667 -2.99 -16.33 11.42
N GLU A 668 -3.93 -15.77 10.65
CA GLU A 668 -5.00 -16.55 9.97
C GLU A 668 -4.62 -16.97 8.54
N ASP A 669 -4.51 -18.26 8.36
CA ASP A 669 -4.11 -18.79 7.11
C ASP A 669 -4.89 -18.30 5.94
N LYS A 670 -6.20 -18.28 6.07
CA LYS A 670 -7.03 -17.86 4.93
C LYS A 670 -6.70 -16.44 4.62
N VAL A 671 -6.74 -15.64 5.68
CA VAL A 671 -6.44 -14.23 5.53
C VAL A 671 -5.12 -14.01 4.88
N VAL A 672 -4.09 -14.63 5.40
CA VAL A 672 -2.75 -14.37 4.84
C VAL A 672 -2.59 -14.83 3.41
N LEU A 673 -2.98 -16.08 3.16
CA LEU A 673 -2.79 -16.73 1.87
C LEU A 673 -3.47 -15.97 0.73
N ASP A 674 -4.58 -15.43 1.10
CA ASP A 674 -5.35 -14.66 0.15
C ASP A 674 -4.52 -13.46 -0.22
N GLN A 675 -3.85 -12.83 0.78
CA GLN A 675 -2.98 -11.71 0.38
C GLN A 675 -1.78 -12.09 -0.46
N LEU A 676 -1.20 -13.25 -0.15
CA LEU A 676 -0.05 -13.72 -0.87
C LEU A 676 -0.43 -14.05 -2.27
N ARG A 677 -1.69 -14.47 -2.41
CA ARG A 677 -2.16 -14.78 -3.76
C ARG A 677 -2.24 -13.46 -4.55
N CYS A 678 -2.83 -12.41 -3.96
CA CYS A 678 -3.08 -11.15 -4.69
C CYS A 678 -1.93 -10.26 -4.96
N ASN A 679 -0.91 -10.32 -4.15
CA ASN A 679 0.13 -9.38 -4.17
C ASN A 679 1.30 -9.82 -4.93
N GLY A 680 1.19 -10.97 -5.58
CA GLY A 680 2.28 -11.48 -6.39
C GLY A 680 3.34 -12.34 -5.67
N VAL A 681 3.30 -12.47 -4.35
CA VAL A 681 4.32 -13.31 -3.71
C VAL A 681 4.16 -14.78 -4.10
N LEU A 682 2.94 -15.35 -4.10
CA LEU A 682 2.87 -16.78 -4.44
C LEU A 682 3.18 -17.05 -5.94
N GLU A 683 2.81 -16.08 -6.81
CA GLU A 683 3.08 -16.26 -8.23
C GLU A 683 4.60 -16.34 -8.46
N GLY A 684 5.27 -15.40 -7.82
CA GLY A 684 6.68 -15.38 -7.97
C GLY A 684 7.31 -16.68 -7.57
N ILE A 685 6.78 -17.27 -6.53
CA ILE A 685 7.44 -18.51 -6.12
C ILE A 685 7.11 -19.59 -7.11
N ARG A 686 5.87 -19.53 -7.57
CA ARG A 686 5.42 -20.52 -8.53
C ARG A 686 6.39 -20.53 -9.73
N ILE A 687 6.65 -19.37 -10.25
CA ILE A 687 7.59 -19.24 -11.35
C ILE A 687 9.01 -19.66 -10.98
N THR A 688 9.42 -19.23 -9.81
CA THR A 688 10.75 -19.56 -9.33
C THR A 688 10.92 -21.05 -9.15
N ARG A 689 9.92 -21.69 -8.54
CA ARG A 689 9.94 -23.14 -8.25
C ARG A 689 10.22 -24.01 -9.50
N LYS A 690 9.74 -23.55 -10.63
CA LYS A 690 9.85 -24.21 -11.91
C LYS A 690 11.28 -24.41 -12.43
N GLY A 691 12.23 -23.52 -12.08
CA GLY A 691 13.63 -23.61 -12.54
C GLY A 691 14.61 -24.16 -11.48
N PHE A 692 15.46 -23.28 -11.00
CA PHE A 692 16.45 -23.60 -10.00
C PHE A 692 16.34 -22.58 -8.92
N PRO A 693 15.35 -22.82 -8.09
CA PRO A 693 15.03 -21.99 -6.96
C PRO A 693 16.11 -21.83 -5.88
N ASN A 694 16.91 -22.89 -5.64
CA ASN A 694 17.92 -22.83 -4.57
C ASN A 694 19.25 -22.64 -5.21
N ARG A 695 19.93 -21.58 -4.84
CA ARG A 695 21.25 -21.25 -5.44
C ARG A 695 22.20 -20.99 -4.34
N ILE A 696 23.10 -21.91 -4.15
CA ILE A 696 23.95 -21.76 -2.99
C ILE A 696 25.42 -21.67 -3.32
N ILE A 697 26.13 -20.79 -2.56
CA ILE A 697 27.58 -20.58 -2.59
C ILE A 697 28.27 -21.90 -2.16
N TYR A 698 29.12 -22.44 -3.05
CA TYR A 698 29.85 -23.73 -2.93
C TYR A 698 30.35 -24.08 -1.55
N ALA A 699 31.07 -23.12 -1.00
CA ALA A 699 31.66 -23.25 0.30
C ALA A 699 30.55 -23.47 1.33
N ASP A 700 29.43 -22.71 1.19
CA ASP A 700 28.30 -22.80 2.10
C ASP A 700 27.75 -24.21 2.12
N PHE A 701 27.65 -24.75 0.92
CA PHE A 701 27.18 -26.10 0.76
C PHE A 701 28.07 -27.11 1.43
N VAL A 702 29.37 -27.04 1.11
CA VAL A 702 30.29 -27.98 1.73
C VAL A 702 30.32 -27.85 3.18
N LYS A 703 30.30 -26.60 3.65
CA LYS A 703 30.43 -26.50 5.09
C LYS A 703 29.39 -27.30 5.82
N ARG A 704 28.22 -27.47 5.17
CA ARG A 704 27.15 -28.21 5.81
C ARG A 704 27.11 -29.66 5.43
N TYR A 705 27.40 -29.96 4.21
CA TYR A 705 27.24 -31.34 3.81
C TYR A 705 28.49 -32.18 3.65
N TYR A 706 29.60 -31.58 3.95
CA TYR A 706 30.84 -32.30 3.78
C TYR A 706 30.75 -33.72 4.29
N LEU A 707 30.28 -33.84 5.51
CA LEU A 707 30.13 -35.13 6.14
C LEU A 707 29.18 -36.05 5.46
N LEU A 708 28.68 -35.75 4.33
CA LEU A 708 27.83 -36.77 3.67
C LEU A 708 28.63 -37.63 2.68
N ALA A 709 29.81 -37.19 2.33
CA ALA A 709 30.61 -37.94 1.41
C ALA A 709 31.88 -38.32 2.09
N PRO A 710 32.28 -39.55 1.90
CA PRO A 710 33.49 -40.03 2.51
C PRO A 710 34.66 -39.50 1.75
N ASN A 711 34.73 -38.18 1.65
CA ASN A 711 35.77 -37.56 0.88
C ASN A 711 36.19 -36.24 1.46
N VAL A 712 35.17 -35.46 1.75
CA VAL A 712 35.27 -34.09 2.10
C VAL A 712 35.61 -33.53 3.44
N PRO A 713 36.48 -32.54 3.28
CA PRO A 713 36.97 -31.70 4.30
C PRO A 713 36.00 -30.52 4.45
N ARG A 714 35.53 -30.30 5.68
CA ARG A 714 34.60 -29.19 5.97
C ARG A 714 35.08 -27.94 5.28
N ASP A 715 36.37 -27.60 5.54
CA ASP A 715 37.09 -26.47 4.96
C ASP A 715 37.73 -27.02 3.71
N ALA A 716 37.84 -26.22 2.67
CA ALA A 716 38.37 -26.80 1.44
C ALA A 716 38.42 -25.81 0.33
N GLU A 717 39.64 -25.43 -0.04
CA GLU A 717 39.84 -24.47 -1.09
C GLU A 717 39.04 -24.82 -2.33
N ASP A 718 39.04 -26.12 -2.69
CA ASP A 718 38.28 -26.47 -3.88
C ASP A 718 36.85 -26.83 -3.60
N SER A 719 36.08 -25.79 -3.25
CA SER A 719 34.66 -25.84 -2.91
C SER A 719 33.75 -26.40 -4.00
N GLN A 720 33.98 -26.02 -5.23
CA GLN A 720 33.18 -26.57 -6.28
C GLN A 720 33.43 -28.05 -6.49
N LYS A 721 34.69 -28.41 -6.28
CA LYS A 721 35.08 -29.80 -6.44
C LYS A 721 34.46 -30.60 -5.33
N ALA A 722 34.62 -30.05 -4.15
CA ALA A 722 34.06 -30.68 -3.02
C ALA A 722 32.55 -30.92 -3.27
N THR A 723 31.84 -29.86 -3.68
CA THR A 723 30.40 -29.96 -3.96
C THR A 723 30.11 -31.18 -4.84
N ASP A 724 30.80 -31.24 -5.97
CA ASP A 724 30.76 -32.34 -6.93
C ASP A 724 31.03 -33.69 -6.25
N ALA A 725 31.91 -33.68 -5.22
CA ALA A 725 32.22 -34.88 -4.44
C ALA A 725 31.01 -35.47 -3.80
N VAL A 726 30.38 -34.60 -3.03
CA VAL A 726 29.22 -34.97 -2.28
C VAL A 726 28.13 -35.51 -3.19
N LEU A 727 27.89 -34.70 -4.23
CA LEU A 727 26.84 -34.99 -5.22
C LEU A 727 27.06 -36.32 -5.86
N LYS A 728 28.29 -36.48 -6.23
CA LYS A 728 28.64 -37.73 -6.81
C LYS A 728 28.45 -38.85 -5.80
N HIS A 729 29.06 -38.66 -4.63
CA HIS A 729 28.96 -39.67 -3.61
C HIS A 729 27.49 -40.10 -3.43
N LEU A 730 26.62 -39.14 -3.24
CA LEU A 730 25.22 -39.48 -3.07
C LEU A 730 24.50 -39.99 -4.33
N ASN A 731 25.19 -40.01 -5.45
CA ASN A 731 24.59 -40.41 -6.71
C ASN A 731 23.39 -39.52 -7.10
N ILE A 732 23.46 -38.23 -6.86
CA ILE A 732 22.35 -37.34 -7.25
C ILE A 732 22.15 -37.24 -8.77
N ASP A 733 20.90 -37.12 -9.19
CA ASP A 733 20.64 -36.98 -10.60
C ASP A 733 21.03 -35.60 -11.05
N PRO A 734 22.06 -35.58 -11.85
CA PRO A 734 22.59 -34.37 -12.40
C PRO A 734 21.56 -33.52 -13.14
N GLU A 735 20.41 -34.06 -13.58
CA GLU A 735 19.47 -33.13 -14.21
C GLU A 735 18.92 -32.23 -13.11
N GLN A 736 19.10 -32.71 -11.88
CA GLN A 736 18.64 -32.02 -10.69
C GLN A 736 19.41 -30.80 -10.25
N TYR A 737 20.59 -30.59 -10.82
CA TYR A 737 21.38 -29.43 -10.42
C TYR A 737 22.18 -28.81 -11.54
N ARG A 738 22.75 -27.64 -11.26
CA ARG A 738 23.54 -27.01 -12.31
C ARG A 738 24.71 -26.32 -11.64
N PHE A 739 25.95 -26.54 -12.13
CA PHE A 739 27.15 -25.90 -11.56
C PHE A 739 27.30 -24.46 -12.05
N GLY A 740 27.14 -23.51 -11.16
CA GLY A 740 27.28 -22.16 -11.68
C GLY A 740 28.66 -21.67 -11.35
N ILE A 741 29.00 -20.55 -11.89
CA ILE A 741 30.29 -19.96 -11.57
C ILE A 741 30.58 -19.85 -10.07
N THR A 742 29.56 -19.65 -9.25
CA THR A 742 29.85 -19.49 -7.82
C THR A 742 28.88 -20.17 -6.88
N LYS A 743 27.75 -20.58 -7.41
CA LYS A 743 26.78 -21.29 -6.62
C LYS A 743 26.40 -22.54 -7.36
N ILE A 744 25.93 -23.44 -6.57
CA ILE A 744 25.38 -24.62 -7.17
C ILE A 744 23.87 -24.35 -7.19
N PHE A 745 23.26 -24.64 -8.34
CA PHE A 745 21.84 -24.46 -8.56
C PHE A 745 21.14 -25.78 -8.45
N PHE A 746 20.08 -25.79 -7.60
CA PHE A 746 19.23 -26.96 -7.34
C PHE A 746 17.78 -26.74 -7.73
N ARG A 747 17.26 -27.78 -8.35
CA ARG A 747 15.87 -27.81 -8.70
C ARG A 747 15.10 -28.03 -7.41
N ALA A 748 13.81 -27.74 -7.51
CA ALA A 748 12.89 -27.87 -6.37
C ALA A 748 13.01 -29.26 -5.78
N GLY A 749 13.07 -29.36 -4.43
CA GLY A 749 13.12 -30.69 -3.75
C GLY A 749 14.45 -31.35 -3.55
N GLN A 750 15.32 -31.13 -4.50
CA GLN A 750 16.63 -31.78 -4.44
C GLN A 750 17.39 -31.54 -3.10
N LEU A 751 17.43 -30.28 -2.75
CA LEU A 751 18.14 -29.90 -1.58
C LEU A 751 17.48 -30.56 -0.39
N ALA A 752 16.14 -30.67 -0.38
CA ALA A 752 15.52 -31.35 0.76
C ALA A 752 15.99 -32.79 0.82
N ARG A 753 16.01 -33.48 -0.32
CA ARG A 753 16.48 -34.88 -0.26
C ARG A 753 17.89 -34.93 0.30
N ILE A 754 18.65 -33.91 -0.06
CA ILE A 754 20.03 -33.89 0.39
C ILE A 754 20.11 -33.71 1.90
N GLU A 755 19.34 -32.78 2.42
CA GLU A 755 19.33 -32.51 3.81
C GLU A 755 18.99 -33.79 4.57
N GLU A 756 18.22 -34.62 3.89
CA GLU A 756 17.72 -35.88 4.39
C GLU A 756 18.69 -37.04 4.31
N ALA A 757 19.86 -36.85 3.72
CA ALA A 757 20.86 -37.91 3.59
C ALA A 757 21.58 -38.25 4.92
N ARG A 758 22.16 -39.44 5.01
CA ARG A 758 22.88 -39.86 6.21
C ARG A 758 24.33 -39.40 6.24
N GLU A 759 24.84 -39.07 7.46
CA GLU A 759 26.23 -38.65 7.65
C GLU A 759 27.11 -39.90 7.75
#